data_3BVW
#
_entry.id   3BVW
#
_cell.length_a   68.744
_cell.length_b   109.457
_cell.length_c   138.358
_cell.angle_alpha   90.000
_cell.angle_beta   90.000
_cell.angle_gamma   90.000
#
_symmetry.space_group_name_H-M   'P 21 21 21'
#
loop_
_entity.id
_entity.type
_entity.pdbx_description
1 polymer 'Alpha-mannosidase 2'
2 branched '2-acetamido-2-deoxy-beta-D-glucopyranose-(1-2)-alpha-D-mannopyranose-(1-3)-[alpha-D-mannopyranose-(1-6)-6-thio-alpha-D-mannopyranose-(1-6)]methyl beta-D-mannopyranoside'
3 non-polymer 'ZINC ION'
4 non-polymer (4S)-2-METHYL-2,4-PENTANEDIOL
5 water water
#
_entity_poly.entity_id   1
_entity_poly.type   'polypeptide(L)'
_entity_poly.pdbx_seq_one_letter_code
;RSSHHHHHHGEFDDPIRPPLKVARSPRPGQCQDVVQDVPNVDVQMLELYDRMSFKDIDGGVWKQGWNIKYDPLKYNAHHK
LKVFVVPHSHNDPGWIQTFEEYYQHDTKHILSNALRHLHDNPEMKFIWAEISYFARFYHDLGENKKLQMKSIVKNGQLEF
VTGGWVMPDEANSHWRNVLLQLTEGQTWLKQFMNVTPTASWAIAPFGHSPTMPYILQKSGFKNMLIQRTHYSVKKELAQQ
RQLEFLWRQIWDNKGDTALFTHMMPFYSYDIPHTCGPDPKVCCQFDFKRMGSFGLSCPWKVPPRTISDQNVAARSDLLVD
QWKKKAELYRTNVLLIPLGDDFRFKQNTEWDVQRVNYERLFEHINSQAHFNVQAQFGTLQEYFDAVHQAERAGQAEFPTL
SGDFFTYADRSDNYWSGYYTSRPYHKRMDRVLMHYVRAAEMLSAWHSWDGMARIEERLEQARRELSLFQHHDGITGTAKT
HVVVDYEQRMQEALKACQMVMQQSVYRLLTKPSIYSPDFSFSYFTLDDSRWPGSGVEDSRTTIILGEDILPSKHVVMHNT
LPHWREQLVDFYVSSPFVSVTDLANNPVEAQVSPVWSWHHDTLTKTIHPQGSTTKYRIIFKARVPPMGLATYVLTISDSK
PEHTSYASNLLLRKNPTSLPLGQYPEDVKFGDPREISLRVGNGPTLAFSEQGLLKSIQLTQDSPHVPVHFKFLKYGVRSH
GDRSGAYLFLPNGPASPVELGQPVVLVTKGKLESSVSVGLPSVVHQTIMRGGAPEIRNLVDIGSLDNTEIVMRLETHIDS
GDIFYTDLNGLQFIKRRRLDKLPLQANYYPIPSGMFIEDANTRLTLLTGQPLGGSSLASGELEIMQDRRLASDDERGLGQ
GVLDNKPVLHIYRLVLEKVNNCVRPSKLHPAGYLTSAAHKASQSLLDPLDKFIFAENEWIGAQGQFGGDHPSAREDLDVS
VMRRLTKSSAKTQRVGYVLHRTNLMQCGTPEEHTQKLDVCHLLPNVARCERTTLTFLQNLEHLDGMVAPEVCPMETAAYV
SSHSS
;
_entity_poly.pdbx_strand_id   A
#
loop_
_chem_comp.id
_chem_comp.type
_chem_comp.name
_chem_comp.formula
MAN D-saccharide, alpha linking alpha-D-mannopyranose 'C6 H12 O6'
MPD non-polymer (4S)-2-METHYL-2,4-PENTANEDIOL 'C6 H14 O2'
NAG D-saccharide, beta linking 2-acetamido-2-deoxy-beta-D-glucopyranose 'C8 H15 N O6'
YZ0 D-saccharide 'methyl beta-D-mannopyranoside' 'C7 H14 O6'
Z4Y D-saccharide, alpha linking 6-thio-alpha-D-mannopyranose 'C6 H12 O5 S'
ZN non-polymer 'ZINC ION' 'Zn 2'
#
# COMPACT_ATOMS: atom_id res chain seq x y z
N CYS A 31 -16.80 -1.51 23.28
CA CYS A 31 -16.42 -1.38 21.88
C CYS A 31 -17.53 -0.68 21.12
N GLN A 32 -17.25 0.26 20.25
CA GLN A 32 -18.23 0.90 19.38
C GLN A 32 -18.67 -0.15 18.36
N ASP A 33 -19.96 -0.07 18.03
CA ASP A 33 -20.50 -0.96 17.00
C ASP A 33 -20.12 -0.38 15.67
N VAL A 34 -19.46 -1.06 14.76
CA VAL A 34 -19.02 -0.44 13.50
C VAL A 34 -19.95 -0.81 12.36
N VAL A 35 -21.06 -1.49 12.70
CA VAL A 35 -21.99 -1.93 11.67
C VAL A 35 -23.32 -1.20 11.66
N GLN A 36 -23.91 -1.01 12.84
CA GLN A 36 -25.35 -0.71 12.89
C GLN A 36 -25.65 0.74 13.15
N ASP A 37 -24.72 1.57 13.47
CA ASP A 37 -24.93 2.98 13.76
C ASP A 37 -24.35 3.80 12.61
N VAL A 38 -25.17 4.47 11.83
CA VAL A 38 -24.62 5.28 10.72
C VAL A 38 -24.10 6.57 11.32
N PRO A 39 -22.84 6.90 11.22
CA PRO A 39 -22.38 8.16 11.81
C PRO A 39 -23.07 9.36 11.21
N ASN A 40 -23.27 10.34 12.13
CA ASN A 40 -23.75 11.63 11.67
C ASN A 40 -22.58 12.58 11.50
N VAL A 41 -22.32 12.92 10.22
CA VAL A 41 -21.21 13.81 9.92
C VAL A 41 -21.73 14.94 9.06
N ASP A 42 -21.07 16.08 9.06
CA ASP A 42 -21.47 17.18 8.22
C ASP A 42 -21.25 16.93 6.74
N VAL A 43 -20.14 16.26 6.43
CA VAL A 43 -19.79 15.93 5.06
C VAL A 43 -19.50 14.43 5.02
N GLN A 44 -20.24 13.70 4.20
CA GLN A 44 -19.97 12.28 4.00
C GLN A 44 -19.69 12.14 2.51
N MET A 45 -18.48 11.74 2.16
CA MET A 45 -18.08 11.93 0.78
C MET A 45 -18.90 11.14 -0.23
N LEU A 46 -19.38 9.96 0.11
CA LEU A 46 -20.25 9.26 -0.87
C LEU A 46 -21.53 10.04 -1.07
N GLU A 47 -22.10 10.57 0.00
CA GLU A 47 -23.35 11.35 -0.14
CA GLU A 47 -23.35 11.36 -0.13
C GLU A 47 -23.07 12.62 -0.92
N LEU A 48 -21.92 13.25 -0.63
CA LEU A 48 -21.58 14.46 -1.39
C LEU A 48 -21.47 14.16 -2.87
N TYR A 49 -20.77 13.07 -3.19
CA TYR A 49 -20.63 12.64 -4.58
C TYR A 49 -21.99 12.42 -5.25
N ASP A 50 -22.94 11.85 -4.53
CA ASP A 50 -24.26 11.56 -5.16
C ASP A 50 -24.94 12.86 -5.51
N ARG A 51 -24.73 13.90 -4.72
CA ARG A 51 -25.47 15.15 -4.92
C ARG A 51 -24.76 16.21 -5.78
N MET A 52 -23.43 16.17 -5.80
N MET A 52 -23.42 16.13 -5.85
CA MET A 52 -22.67 17.19 -6.50
CA MET A 52 -22.55 17.03 -6.58
C MET A 52 -22.73 17.11 -8.00
C MET A 52 -22.69 17.04 -8.09
N SER A 53 -22.57 18.21 -8.74
CA SER A 53 -22.76 18.18 -10.21
C SER A 53 -21.57 17.80 -11.15
N PHE A 54 -20.39 18.07 -10.63
CA PHE A 54 -19.11 17.91 -11.34
C PHE A 54 -18.96 18.70 -12.62
N LYS A 55 -19.77 19.72 -12.83
CA LYS A 55 -19.59 20.54 -14.01
C LYS A 55 -18.27 21.28 -13.98
N ASP A 56 -17.62 21.32 -15.13
CA ASP A 56 -16.26 21.86 -15.25
C ASP A 56 -16.34 23.21 -15.97
N ILE A 57 -16.70 24.24 -15.20
CA ILE A 57 -16.87 25.56 -15.82
C ILE A 57 -15.67 26.44 -15.54
N ASP A 58 -15.43 27.38 -16.44
CA ASP A 58 -14.34 28.33 -16.29
C ASP A 58 -14.67 29.32 -15.18
N GLY A 59 -13.90 29.28 -14.10
CA GLY A 59 -14.19 30.11 -12.93
C GLY A 59 -13.52 31.48 -12.97
N GLY A 60 -12.77 31.75 -14.04
CA GLY A 60 -12.03 33.00 -14.12
C GLY A 60 -10.56 32.73 -13.76
N VAL A 61 -9.90 33.69 -13.12
CA VAL A 61 -8.48 33.49 -12.84
C VAL A 61 -8.29 32.24 -11.97
N TRP A 62 -9.21 31.97 -11.04
CA TRP A 62 -9.25 30.67 -10.35
C TRP A 62 -10.07 29.79 -11.30
N LYS A 63 -9.35 29.01 -12.11
CA LYS A 63 -10.05 28.39 -13.24
C LYS A 63 -11.11 27.41 -12.79
N GLN A 64 -10.91 26.79 -11.62
CA GLN A 64 -11.87 25.77 -11.20
C GLN A 64 -12.69 26.23 -10.02
N GLY A 65 -12.65 27.56 -9.77
CA GLY A 65 -13.40 28.12 -8.65
C GLY A 65 -14.38 29.20 -9.12
N TRP A 66 -14.30 30.34 -8.47
CA TRP A 66 -15.13 31.50 -8.80
C TRP A 66 -14.31 32.71 -8.41
N ASN A 67 -14.76 33.90 -8.77
CA ASN A 67 -14.13 35.15 -8.40
C ASN A 67 -14.41 35.47 -6.93
N ILE A 68 -13.44 35.24 -6.07
CA ILE A 68 -13.68 35.43 -4.65
C ILE A 68 -13.78 36.89 -4.31
N LYS A 69 -14.76 37.23 -3.49
CA LYS A 69 -14.93 38.61 -3.02
C LYS A 69 -14.83 38.60 -1.50
N TYR A 70 -14.31 39.66 -0.91
CA TYR A 70 -14.26 39.75 0.53
C TYR A 70 -14.64 41.15 0.97
N ASP A 71 -15.06 41.28 2.21
CA ASP A 71 -15.34 42.62 2.73
C ASP A 71 -14.10 43.19 3.37
N PRO A 72 -13.57 44.30 2.90
CA PRO A 72 -12.33 44.84 3.49
C PRO A 72 -12.51 45.10 4.99
N LEU A 73 -13.75 45.36 5.39
CA LEU A 73 -14.01 45.67 6.80
C LEU A 73 -13.97 44.47 7.72
N LYS A 74 -13.78 43.26 7.18
CA LYS A 74 -13.69 42.06 7.99
C LYS A 74 -12.53 42.06 8.98
N TYR A 75 -11.38 42.51 8.54
N TYR A 75 -11.38 42.52 8.53
CA TYR A 75 -10.27 42.67 9.45
CA TYR A 75 -10.23 42.63 9.39
C TYR A 75 -10.09 44.11 9.82
C TYR A 75 -10.04 44.10 9.79
N ASN A 76 -9.64 44.33 11.04
CA ASN A 76 -9.51 45.67 11.59
C ASN A 76 -8.53 45.59 12.76
N ALA A 77 -8.39 46.68 13.46
CA ALA A 77 -7.41 46.73 14.54
C ALA A 77 -7.69 45.64 15.56
N HIS A 78 -8.94 45.32 15.79
CA HIS A 78 -9.19 44.34 16.81
C HIS A 78 -9.28 42.91 16.31
N HIS A 79 -8.99 42.71 15.03
CA HIS A 79 -9.17 41.41 14.40
C HIS A 79 -8.35 41.39 13.12
N LYS A 80 -7.08 41.04 13.27
CA LYS A 80 -6.15 41.08 12.15
C LYS A 80 -6.09 39.72 11.48
N LEU A 81 -5.64 39.72 10.22
CA LEU A 81 -5.40 38.44 9.54
C LEU A 81 -3.97 38.05 9.87
N LYS A 82 -3.78 36.90 10.49
N LYS A 82 -3.72 36.88 10.43
CA LYS A 82 -2.45 36.37 10.80
CA LYS A 82 -2.38 36.43 10.79
C LYS A 82 -2.07 35.49 9.61
C LYS A 82 -1.93 35.38 9.79
N VAL A 83 -0.91 35.77 9.01
CA VAL A 83 -0.48 35.06 7.82
C VAL A 83 0.85 34.32 8.09
N PHE A 84 0.83 32.99 7.88
CA PHE A 84 2.08 32.22 8.05
C PHE A 84 2.57 31.77 6.69
N VAL A 85 3.69 32.27 6.28
CA VAL A 85 4.30 31.87 5.03
C VAL A 85 5.27 30.75 5.36
N VAL A 86 5.02 29.57 4.80
CA VAL A 86 5.74 28.38 5.25
C VAL A 86 6.64 27.86 4.14
N PRO A 87 7.93 28.16 4.19
CA PRO A 87 8.86 27.70 3.12
C PRO A 87 9.02 26.18 3.13
N HIS A 88 9.03 25.60 1.93
CA HIS A 88 9.11 24.12 1.86
C HIS A 88 9.76 23.75 0.53
N SER A 89 10.14 22.49 0.42
CA SER A 89 10.84 21.96 -0.75
C SER A 89 10.38 20.50 -0.93
N HIS A 90 9.68 20.24 -2.03
CA HIS A 90 9.17 18.88 -2.25
C HIS A 90 10.30 18.03 -2.82
N ASN A 91 10.77 17.04 -2.08
CA ASN A 91 11.88 16.21 -2.51
C ASN A 91 11.40 14.78 -2.74
N ASP A 92 11.31 14.40 -3.99
CA ASP A 92 10.89 13.05 -4.34
C ASP A 92 12.01 12.06 -4.14
N PRO A 93 11.86 11.05 -3.31
CA PRO A 93 12.86 9.97 -3.14
C PRO A 93 12.82 9.00 -4.30
N GLY A 94 13.24 9.46 -5.47
CA GLY A 94 13.13 8.81 -6.76
C GLY A 94 11.90 9.30 -7.49
N TRP A 95 12.05 9.57 -8.77
CA TRP A 95 10.97 9.89 -9.68
C TRP A 95 11.55 9.96 -11.10
N ILE A 96 12.10 11.09 -11.50
CA ILE A 96 12.79 11.28 -12.76
C ILE A 96 14.27 10.90 -12.66
N GLN A 97 14.79 10.95 -11.43
N GLN A 97 14.76 10.94 -11.42
CA GLN A 97 16.14 10.48 -11.11
CA GLN A 97 16.12 10.51 -11.06
C GLN A 97 16.00 9.49 -9.95
C GLN A 97 15.99 9.48 -9.94
N THR A 98 16.99 8.67 -9.73
CA THR A 98 16.95 7.77 -8.54
C THR A 98 17.12 8.61 -7.29
N PHE A 99 16.80 8.00 -6.15
CA PHE A 99 17.07 8.57 -4.86
C PHE A 99 18.49 9.12 -4.81
N GLU A 100 19.49 8.29 -5.12
CA GLU A 100 20.86 8.72 -4.93
C GLU A 100 21.20 9.83 -5.90
N GLU A 101 20.71 9.76 -7.15
CA GLU A 101 20.99 10.83 -8.11
C GLU A 101 20.40 12.17 -7.63
N TYR A 102 19.16 12.15 -7.19
CA TYR A 102 18.57 13.37 -6.65
C TYR A 102 19.37 13.84 -5.42
N TYR A 103 19.77 12.90 -4.56
CA TYR A 103 20.48 13.33 -3.35
C TYR A 103 21.76 14.06 -3.74
N GLN A 104 22.52 13.49 -4.70
CA GLN A 104 23.81 14.10 -5.08
C GLN A 104 23.58 15.38 -5.85
N HIS A 105 22.56 15.48 -6.71
CA HIS A 105 22.40 16.64 -7.60
C HIS A 105 21.65 17.79 -6.96
N ASP A 106 20.73 17.43 -6.03
CA ASP A 106 19.78 18.45 -5.53
C ASP A 106 19.73 18.42 -4.03
N THR A 107 19.29 17.31 -3.41
CA THR A 107 18.86 17.37 -2.02
C THR A 107 19.99 17.64 -1.03
N LYS A 108 21.18 17.13 -1.31
CA LYS A 108 22.24 17.43 -0.33
C LYS A 108 22.56 18.92 -0.31
N HIS A 109 22.39 19.56 -1.45
CA HIS A 109 22.63 21.01 -1.50
C HIS A 109 21.50 21.77 -0.84
N ILE A 110 20.25 21.32 -1.05
CA ILE A 110 19.14 21.95 -0.37
C ILE A 110 19.31 21.91 1.13
N LEU A 111 19.64 20.74 1.65
CA LEU A 111 19.79 20.62 3.11
C LEU A 111 21.00 21.34 3.65
N SER A 112 22.11 21.32 2.92
N SER A 112 22.12 21.35 2.92
CA SER A 112 23.32 22.03 3.32
CA SER A 112 23.33 22.06 3.30
C SER A 112 23.07 23.53 3.34
C SER A 112 23.01 23.55 3.38
N ASN A 113 22.37 24.02 2.33
CA ASN A 113 22.12 25.49 2.30
C ASN A 113 21.00 25.84 3.26
N ALA A 114 20.03 24.96 3.52
CA ALA A 114 19.04 25.25 4.55
C ALA A 114 19.73 25.37 5.90
N LEU A 115 20.69 24.50 6.19
CA LEU A 115 21.37 24.59 7.47
C LEU A 115 22.05 25.93 7.60
N ARG A 116 22.78 26.34 6.56
CA ARG A 116 23.51 27.61 6.59
C ARG A 116 22.55 28.78 6.72
N HIS A 117 21.52 28.84 5.87
N HIS A 117 21.55 28.80 5.87
CA HIS A 117 20.68 30.04 5.82
CA HIS A 117 20.70 29.96 5.79
C HIS A 117 19.81 30.14 7.05
C HIS A 117 19.81 30.12 7.02
N LEU A 118 19.29 29.02 7.56
CA LEU A 118 18.49 29.11 8.78
C LEU A 118 19.40 29.49 9.93
N HIS A 119 20.58 28.90 10.03
CA HIS A 119 21.52 29.29 11.08
C HIS A 119 21.76 30.80 11.07
N ASP A 120 21.98 31.37 9.91
CA ASP A 120 22.37 32.75 9.79
C ASP A 120 21.21 33.74 9.84
N ASN A 121 19.98 33.25 9.70
CA ASN A 121 18.79 34.11 9.62
C ASN A 121 17.72 33.61 10.57
N PRO A 122 17.79 34.02 11.83
CA PRO A 122 16.96 33.41 12.88
C PRO A 122 15.46 33.44 12.66
N GLU A 123 14.94 34.36 11.85
CA GLU A 123 13.50 34.41 11.65
C GLU A 123 13.02 33.55 10.49
N MET A 124 13.95 33.08 9.68
CA MET A 124 13.60 32.23 8.54
C MET A 124 13.20 30.84 9.04
N LYS A 125 12.29 30.21 8.35
CA LYS A 125 11.76 28.90 8.74
C LYS A 125 11.71 27.99 7.51
N PHE A 126 11.58 26.69 7.74
CA PHE A 126 11.61 25.69 6.66
C PHE A 126 10.99 24.42 7.22
N ILE A 127 10.17 23.75 6.43
CA ILE A 127 9.64 22.44 6.88
C ILE A 127 10.20 21.35 5.98
N TRP A 128 10.34 20.15 6.56
CA TRP A 128 10.94 19.03 5.88
C TRP A 128 10.11 17.78 6.10
N ALA A 129 9.80 17.07 5.03
CA ALA A 129 8.96 15.88 5.14
C ALA A 129 9.67 14.56 4.98
N GLU A 130 10.63 14.41 4.10
CA GLU A 130 11.10 13.08 3.66
C GLU A 130 12.33 12.67 4.46
N ILE A 131 12.13 11.78 5.45
CA ILE A 131 13.25 11.49 6.37
C ILE A 131 14.27 10.58 5.71
N SER A 132 13.92 9.83 4.67
CA SER A 132 14.94 9.07 3.94
C SER A 132 16.08 9.96 3.48
N TYR A 133 15.74 11.13 2.93
CA TYR A 133 16.81 12.05 2.50
C TYR A 133 17.48 12.69 3.70
N PHE A 134 16.71 13.08 4.71
CA PHE A 134 17.33 13.77 5.86
C PHE A 134 18.29 12.87 6.57
N ALA A 135 17.95 11.59 6.77
CA ALA A 135 18.88 10.65 7.41
C ALA A 135 20.13 10.45 6.59
N ARG A 136 19.98 10.38 5.26
N ARG A 136 20.00 10.35 5.28
CA ARG A 136 21.01 10.24 4.22
CA ARG A 136 21.29 10.20 4.57
C ARG A 136 22.00 11.39 4.29
C ARG A 136 22.15 11.44 4.78
N PHE A 137 21.52 12.59 4.58
CA PHE A 137 22.29 13.83 4.75
C PHE A 137 22.94 13.94 6.10
N TYR A 138 22.14 13.71 7.16
CA TYR A 138 22.65 14.00 8.52
C TYR A 138 23.77 13.06 8.87
N HIS A 139 23.72 11.81 8.43
N HIS A 139 23.64 11.82 8.45
CA HIS A 139 24.74 10.80 8.77
CA HIS A 139 24.70 10.89 8.88
C HIS A 139 26.05 11.05 8.07
C HIS A 139 26.02 11.32 8.25
N ASP A 140 25.99 11.91 7.05
CA ASP A 140 27.23 12.33 6.37
C ASP A 140 27.81 13.65 6.86
N LEU A 141 27.09 14.34 7.73
CA LEU A 141 27.57 15.61 8.34
C LEU A 141 28.63 15.38 9.41
N GLY A 142 29.61 16.27 9.44
CA GLY A 142 30.59 16.35 10.51
C GLY A 142 29.82 16.78 11.76
N GLU A 143 30.44 16.43 12.88
CA GLU A 143 29.80 16.64 14.18
C GLU A 143 29.43 18.10 14.41
N ASN A 144 30.32 18.95 13.93
N ASN A 144 30.22 19.08 13.98
CA ASN A 144 30.11 20.40 14.01
CA ASN A 144 29.85 20.50 14.26
C ASN A 144 28.72 20.73 13.50
C ASN A 144 28.62 20.89 13.46
N LYS A 145 28.46 20.33 12.26
CA LYS A 145 27.25 20.59 11.53
C LYS A 145 26.09 19.80 12.08
N LYS A 146 26.32 18.57 12.60
CA LYS A 146 25.20 17.88 13.24
C LYS A 146 24.70 18.71 14.39
N LEU A 147 25.57 19.27 15.21
CA LEU A 147 25.13 20.08 16.33
C LEU A 147 24.40 21.34 15.89
N GLN A 148 24.87 21.99 14.83
CA GLN A 148 24.17 23.16 14.30
C GLN A 148 22.77 22.77 13.83
N MET A 149 22.68 21.63 13.14
CA MET A 149 21.38 21.16 12.65
C MET A 149 20.44 20.89 13.83
N LYS A 150 20.93 20.22 14.85
CA LYS A 150 20.10 19.95 16.02
C LYS A 150 19.58 21.22 16.63
N SER A 151 20.40 22.27 16.65
N SER A 151 20.41 22.26 16.64
CA SER A 151 20.04 23.55 17.24
CA SER A 151 20.03 23.53 17.22
C SER A 151 18.96 24.26 16.45
C SER A 151 18.91 24.20 16.45
N ILE A 152 18.98 24.22 15.12
CA ILE A 152 17.88 24.88 14.37
C ILE A 152 16.61 24.05 14.40
N VAL A 153 16.69 22.76 14.71
CA VAL A 153 15.44 22.00 14.92
C VAL A 153 14.90 22.26 16.31
N LYS A 154 15.82 22.25 17.30
CA LYS A 154 15.39 22.50 18.66
C LYS A 154 14.75 23.87 18.84
N ASN A 155 15.26 24.90 18.16
CA ASN A 155 14.72 26.27 18.29
C ASN A 155 13.53 26.52 17.35
N GLY A 156 13.11 25.54 16.59
CA GLY A 156 11.85 25.67 15.83
C GLY A 156 12.05 26.20 14.43
N GLN A 157 13.24 26.46 13.97
CA GLN A 157 13.39 27.04 12.63
C GLN A 157 13.18 26.01 11.53
N LEU A 158 13.77 24.84 11.75
N LEU A 158 13.74 24.83 11.72
CA LEU A 158 13.54 23.68 10.87
CA LEU A 158 13.56 23.73 10.78
C LEU A 158 12.53 22.82 11.61
C LEU A 158 12.63 22.72 11.45
N GLU A 159 11.44 22.52 10.88
CA GLU A 159 10.44 21.65 11.51
C GLU A 159 10.12 20.50 10.59
N PHE A 160 10.17 19.31 11.18
CA PHE A 160 9.77 18.11 10.46
C PHE A 160 8.24 18.00 10.42
N VAL A 161 7.74 17.67 9.25
CA VAL A 161 6.29 17.47 9.05
C VAL A 161 6.10 16.04 8.59
N THR A 162 5.17 15.36 9.25
CA THR A 162 4.92 13.92 9.15
C THR A 162 6.08 13.11 9.73
N GLY A 163 7.25 13.23 9.12
CA GLY A 163 8.42 12.50 9.63
C GLY A 163 8.42 11.08 9.20
N GLY A 164 7.69 10.71 8.11
CA GLY A 164 7.88 9.39 7.54
C GLY A 164 9.14 9.31 6.70
N TRP A 165 9.53 8.05 6.42
CA TRP A 165 10.65 7.86 5.50
C TRP A 165 10.39 8.55 4.16
N VAL A 166 9.12 8.52 3.74
CA VAL A 166 8.69 9.12 2.47
C VAL A 166 7.36 9.82 2.73
N MET A 167 6.80 10.42 1.71
CA MET A 167 5.41 10.90 1.68
C MET A 167 4.72 9.84 0.82
N PRO A 168 4.07 8.86 1.46
CA PRO A 168 3.67 7.71 0.64
C PRO A 168 2.47 7.95 -0.24
N ASP A 169 2.41 7.14 -1.30
CA ASP A 169 1.14 6.92 -1.96
C ASP A 169 0.07 6.52 -0.95
N GLU A 170 -1.17 6.93 -1.19
CA GLU A 170 -2.27 6.56 -0.29
C GLU A 170 -3.25 5.63 -1.00
N ALA A 171 -3.07 5.31 -2.27
CA ALA A 171 -4.00 4.44 -3.00
C ALA A 171 -3.61 2.97 -2.97
N ASN A 172 -2.38 2.70 -3.34
CA ASN A 172 -1.92 1.32 -3.52
C ASN A 172 -1.25 0.76 -2.28
N SER A 173 -0.82 1.64 -1.39
N SER A 173 -0.79 1.63 -1.39
CA SER A 173 -0.07 1.21 -0.22
CA SER A 173 -0.04 1.27 -0.20
C SER A 173 -0.92 0.46 0.78
C SER A 173 -0.90 0.44 0.74
N HIS A 174 -0.30 -0.58 1.34
CA HIS A 174 -0.97 -1.29 2.42
C HIS A 174 -0.76 -0.50 3.71
N TRP A 175 -1.80 -0.46 4.56
CA TRP A 175 -1.67 0.28 5.84
C TRP A 175 -0.46 -0.21 6.60
N ARG A 176 -0.15 -1.52 6.54
CA ARG A 176 1.00 -2.00 7.30
C ARG A 176 2.29 -1.34 6.84
N ASN A 177 2.40 -1.06 5.55
CA ASN A 177 3.63 -0.43 5.06
C ASN A 177 3.58 1.09 5.22
N VAL A 178 2.40 1.68 5.24
CA VAL A 178 2.31 3.11 5.62
C VAL A 178 2.83 3.26 7.04
N LEU A 179 2.41 2.39 7.96
CA LEU A 179 2.90 2.43 9.32
C LEU A 179 4.39 2.11 9.35
N LEU A 180 4.86 1.14 8.57
CA LEU A 180 6.29 0.80 8.61
C LEU A 180 7.10 2.02 8.27
N GLN A 181 6.77 2.74 7.18
CA GLN A 181 7.63 3.86 6.75
C GLN A 181 7.51 5.02 7.74
N LEU A 182 6.29 5.23 8.26
CA LEU A 182 6.11 6.30 9.24
C LEU A 182 7.01 6.00 10.45
N THR A 183 6.99 4.74 10.89
CA THR A 183 7.79 4.35 12.05
C THR A 183 9.30 4.46 11.73
N GLU A 184 9.69 4.14 10.50
CA GLU A 184 11.15 4.18 10.18
C GLU A 184 11.61 5.63 10.26
N GLY A 185 10.87 6.56 9.66
CA GLY A 185 11.25 7.95 9.75
C GLY A 185 11.17 8.53 11.15
N GLN A 186 10.09 8.25 11.85
CA GLN A 186 9.91 8.84 13.17
C GLN A 186 10.87 8.24 14.20
N THR A 187 11.25 6.98 14.05
CA THR A 187 12.20 6.40 15.03
C THR A 187 13.53 7.08 14.82
N TRP A 188 13.93 7.33 13.57
CA TRP A 188 15.17 8.04 13.27
C TRP A 188 15.09 9.43 13.88
N LEU A 189 14.01 10.17 13.65
CA LEU A 189 13.91 11.54 14.18
C LEU A 189 13.97 11.52 15.70
N LYS A 190 13.31 10.56 16.37
CA LYS A 190 13.37 10.59 17.84
C LYS A 190 14.80 10.36 18.31
N GLN A 191 15.46 9.38 17.71
CA GLN A 191 16.84 9.02 18.07
C GLN A 191 17.80 10.18 17.84
N PHE A 192 17.77 10.80 16.67
CA PHE A 192 18.84 11.75 16.35
C PHE A 192 18.46 13.19 16.51
N MET A 193 17.17 13.55 16.39
N MET A 193 17.17 13.52 16.35
CA MET A 193 16.78 14.94 16.50
CA MET A 193 16.71 14.90 16.41
C MET A 193 15.87 15.20 17.68
C MET A 193 15.93 15.17 17.69
N ASN A 194 15.51 14.15 18.43
CA ASN A 194 14.71 14.27 19.62
C ASN A 194 13.43 15.04 19.36
N VAL A 195 12.77 14.73 18.25
CA VAL A 195 11.44 15.32 17.98
C VAL A 195 10.53 14.26 17.35
N THR A 196 9.24 14.45 17.56
CA THR A 196 8.21 13.59 16.97
C THR A 196 7.13 14.47 16.41
N PRO A 197 7.04 14.61 15.09
CA PRO A 197 6.04 15.47 14.52
C PRO A 197 4.65 15.06 14.89
N THR A 198 3.77 16.05 15.09
CA THR A 198 2.35 15.80 15.34
C THR A 198 1.50 16.44 14.27
N ALA A 199 2.08 17.06 13.27
CA ALA A 199 1.39 17.59 12.09
C ALA A 199 1.92 16.85 10.85
N SER A 200 1.01 16.46 9.98
CA SER A 200 1.35 15.76 8.77
C SER A 200 1.16 16.67 7.55
N TRP A 201 2.03 16.50 6.57
CA TRP A 201 2.06 17.30 5.34
C TRP A 201 2.09 16.31 4.17
N ALA A 202 1.00 16.29 3.42
CA ALA A 202 0.88 15.33 2.27
C ALA A 202 0.38 16.12 1.08
N ILE A 203 1.32 16.86 0.48
CA ILE A 203 0.91 17.75 -0.62
C ILE A 203 0.83 17.06 -1.98
N ALA A 204 1.39 15.84 -2.09
CA ALA A 204 1.61 15.24 -3.42
C ALA A 204 0.95 13.89 -3.71
N PRO A 205 0.51 13.04 -2.80
CA PRO A 205 -0.15 11.77 -3.26
C PRO A 205 -1.35 12.08 -4.14
N PHE A 206 -1.68 11.13 -5.04
CA PHE A 206 -2.63 11.42 -6.10
C PHE A 206 -4.03 11.01 -5.62
N GLY A 207 -4.61 11.86 -4.78
CA GLY A 207 -5.80 11.48 -4.04
C GLY A 207 -5.41 11.04 -2.62
N HIS A 208 -6.37 11.03 -1.71
CA HIS A 208 -6.07 10.82 -0.32
C HIS A 208 -7.02 9.83 0.37
N SER A 209 -6.46 9.06 1.30
CA SER A 209 -7.15 8.00 2.00
C SER A 209 -7.36 8.28 3.45
N PRO A 210 -8.51 7.89 4.00
CA PRO A 210 -8.72 8.05 5.45
C PRO A 210 -7.89 7.08 6.24
N THR A 211 -7.17 6.12 5.63
CA THR A 211 -6.22 5.34 6.39
C THR A 211 -5.13 6.25 6.99
N MET A 212 -4.82 7.36 6.34
CA MET A 212 -3.79 8.23 6.93
C MET A 212 -4.23 8.83 8.24
N PRO A 213 -5.35 9.54 8.38
CA PRO A 213 -5.72 9.99 9.72
C PRO A 213 -5.90 8.84 10.68
N TYR A 214 -6.34 7.67 10.20
CA TYR A 214 -6.48 6.53 11.15
C TYR A 214 -5.14 6.24 11.82
N ILE A 215 -4.10 6.03 11.01
CA ILE A 215 -2.78 5.70 11.53
C ILE A 215 -2.17 6.87 12.27
N LEU A 216 -2.26 8.07 11.71
CA LEU A 216 -1.65 9.25 12.33
C LEU A 216 -2.28 9.52 13.68
N GLN A 217 -3.62 9.46 13.80
CA GLN A 217 -4.24 9.75 15.11
C GLN A 217 -3.85 8.75 16.17
N LYS A 218 -3.54 7.52 15.79
CA LYS A 218 -3.04 6.49 16.71
C LYS A 218 -1.54 6.54 16.89
N SER A 219 -0.90 7.54 16.27
CA SER A 219 0.55 7.73 16.35
C SER A 219 0.87 9.14 16.91
N GLY A 220 -0.06 9.72 17.66
CA GLY A 220 0.22 10.96 18.37
C GLY A 220 -0.15 12.21 17.58
N PHE A 221 -0.57 12.08 16.33
CA PHE A 221 -0.78 13.32 15.58
C PHE A 221 -2.04 14.06 16.01
N LYS A 222 -1.98 15.36 15.77
CA LYS A 222 -3.09 16.23 16.08
C LYS A 222 -3.62 16.91 14.85
N ASN A 223 -2.89 16.98 13.74
CA ASN A 223 -3.30 17.78 12.57
C ASN A 223 -2.72 17.15 11.31
N MET A 224 -3.37 17.31 10.20
CA MET A 224 -2.78 16.84 8.93
C MET A 224 -3.23 17.75 7.81
N LEU A 225 -2.47 17.79 6.72
CA LEU A 225 -2.75 18.61 5.56
C LEU A 225 -2.71 17.74 4.29
N ILE A 226 -3.64 17.97 3.42
CA ILE A 226 -3.70 17.28 2.10
C ILE A 226 -3.93 18.31 1.02
N GLN A 227 -3.67 17.90 -0.23
CA GLN A 227 -3.73 18.80 -1.38
C GLN A 227 -4.42 18.19 -2.58
N ARG A 228 -4.05 16.96 -3.01
CA ARG A 228 -4.53 16.52 -4.33
C ARG A 228 -5.88 15.85 -4.20
N THR A 229 -6.90 16.65 -4.26
CA THR A 229 -8.29 16.20 -4.28
C THR A 229 -8.94 16.80 -5.51
N HIS A 230 -10.00 16.12 -5.96
CA HIS A 230 -10.70 16.48 -7.20
C HIS A 230 -11.07 17.96 -7.18
N TYR A 231 -10.81 18.64 -8.29
CA TYR A 231 -11.11 20.06 -8.33
C TYR A 231 -12.55 20.36 -8.01
N SER A 232 -13.49 19.49 -8.35
CA SER A 232 -14.89 19.78 -7.99
C SER A 232 -15.14 19.74 -6.48
N VAL A 233 -14.44 18.82 -5.78
CA VAL A 233 -14.51 18.72 -4.36
C VAL A 233 -13.93 19.97 -3.71
N LYS A 234 -12.77 20.44 -4.22
CA LYS A 234 -12.20 21.66 -3.68
C LYS A 234 -13.24 22.78 -3.81
N LYS A 235 -13.88 22.90 -4.97
CA LYS A 235 -14.82 24.02 -5.17
C LYS A 235 -16.00 23.88 -4.21
N GLU A 236 -16.58 22.68 -4.09
CA GLU A 236 -17.73 22.48 -3.22
C GLU A 236 -17.42 22.78 -1.74
N LEU A 237 -16.29 22.23 -1.29
CA LEU A 237 -15.93 22.43 0.14
C LEU A 237 -15.54 23.91 0.33
N ALA A 238 -14.86 24.52 -0.62
CA ALA A 238 -14.50 25.95 -0.43
C ALA A 238 -15.73 26.83 -0.30
N GLN A 239 -16.76 26.52 -1.09
CA GLN A 239 -18.00 27.33 -1.06
C GLN A 239 -18.67 27.23 0.29
N GLN A 240 -18.49 26.14 1.01
CA GLN A 240 -19.06 25.96 2.34
C GLN A 240 -18.08 26.21 3.48
N ARG A 241 -16.88 26.68 3.15
CA ARG A 241 -15.78 26.75 4.11
CA ARG A 241 -15.79 26.74 4.11
C ARG A 241 -15.65 25.44 4.90
N GLN A 242 -15.62 24.34 4.15
CA GLN A 242 -15.45 23.01 4.76
C GLN A 242 -14.11 22.39 4.33
N LEU A 243 -13.11 23.26 4.01
CA LEU A 243 -11.80 22.75 3.66
C LEU A 243 -10.98 22.39 4.86
N GLU A 244 -11.36 22.81 6.06
CA GLU A 244 -10.78 22.31 7.31
C GLU A 244 -11.87 21.53 7.99
N PHE A 245 -11.56 20.31 8.40
CA PHE A 245 -12.61 19.44 8.91
C PHE A 245 -12.01 18.45 9.88
N LEU A 246 -12.85 17.86 10.71
CA LEU A 246 -12.46 16.78 11.62
C LEU A 246 -12.72 15.49 10.87
N TRP A 247 -11.65 14.85 10.39
CA TRP A 247 -11.82 13.66 9.51
C TRP A 247 -11.86 12.44 10.36
N ARG A 248 -13.04 11.82 10.41
CA ARG A 248 -13.18 10.58 11.18
C ARG A 248 -13.36 9.40 10.21
N GLN A 249 -13.23 8.20 10.75
CA GLN A 249 -13.44 7.01 9.92
C GLN A 249 -14.91 6.81 9.61
N ILE A 250 -15.16 6.14 8.48
CA ILE A 250 -16.53 6.06 7.96
C ILE A 250 -17.43 5.29 8.92
N TRP A 251 -16.90 4.42 9.76
CA TRP A 251 -17.77 3.64 10.68
C TRP A 251 -17.92 4.32 12.04
N ASP A 252 -17.15 5.39 12.31
CA ASP A 252 -16.96 5.84 13.68
C ASP A 252 -18.08 6.75 14.11
N ASN A 253 -18.97 6.21 14.92
CA ASN A 253 -20.15 6.94 15.33
C ASN A 253 -19.86 8.08 16.32
N LYS A 254 -18.91 7.83 17.19
CA LYS A 254 -18.64 8.70 18.35
C LYS A 254 -17.66 9.78 17.95
N GLY A 255 -16.71 9.44 17.06
CA GLY A 255 -15.74 10.46 16.60
C GLY A 255 -14.35 10.35 17.21
N ASP A 256 -14.02 9.28 17.96
CA ASP A 256 -12.71 9.30 18.62
C ASP A 256 -11.57 9.10 17.62
N THR A 257 -11.84 8.69 16.39
CA THR A 257 -10.80 8.61 15.39
C THR A 257 -10.52 9.98 14.73
N ALA A 258 -11.28 11.03 15.03
CA ALA A 258 -11.18 12.26 14.24
C ALA A 258 -9.81 12.90 14.34
N LEU A 259 -9.36 13.41 13.20
CA LEU A 259 -8.10 14.16 13.12
C LEU A 259 -8.36 15.44 12.32
N PHE A 260 -7.97 16.57 12.89
CA PHE A 260 -8.16 17.82 12.16
C PHE A 260 -7.36 17.82 10.89
N THR A 261 -8.01 18.14 9.79
CA THR A 261 -7.43 18.10 8.46
C THR A 261 -7.64 19.42 7.75
N HIS A 262 -6.56 19.88 7.10
CA HIS A 262 -6.61 21.05 6.23
C HIS A 262 -6.46 20.58 4.78
N MET A 263 -7.43 20.87 3.95
CA MET A 263 -7.29 20.66 2.52
C MET A 263 -6.95 21.99 1.86
N MET A 264 -5.85 22.00 1.12
N MET A 264 -5.85 22.00 1.12
CA MET A 264 -5.45 23.17 0.33
CA MET A 264 -5.53 23.25 0.41
C MET A 264 -6.47 23.39 -0.77
C MET A 264 -6.47 23.39 -0.77
N PRO A 265 -6.75 24.63 -1.17
CA PRO A 265 -7.87 24.84 -2.05
C PRO A 265 -7.66 24.86 -3.54
N PHE A 266 -6.42 24.97 -4.00
CA PHE A 266 -6.17 25.31 -5.40
C PHE A 266 -5.50 24.15 -6.12
N TYR A 267 -5.14 24.40 -7.38
CA TYR A 267 -4.78 23.31 -8.30
C TYR A 267 -3.43 22.69 -7.98
N SER A 268 -2.52 23.40 -7.38
CA SER A 268 -1.12 22.90 -7.18
C SER A 268 -0.63 23.35 -5.81
N TYR A 269 0.45 22.72 -5.36
CA TYR A 269 1.16 23.23 -4.20
C TYR A 269 2.29 24.20 -4.57
N ASP A 270 2.45 24.53 -5.86
CA ASP A 270 3.56 25.46 -6.23
C ASP A 270 3.16 26.88 -5.79
N ILE A 271 4.13 27.80 -5.91
CA ILE A 271 3.84 29.16 -5.40
C ILE A 271 2.73 29.85 -6.18
N PRO A 272 2.64 29.74 -7.52
CA PRO A 272 1.50 30.35 -8.23
C PRO A 272 0.13 29.89 -7.71
N HIS A 273 0.03 28.72 -7.11
CA HIS A 273 -1.27 28.24 -6.66
C HIS A 273 -1.39 28.17 -5.15
N THR A 274 -0.53 28.89 -4.45
CA THR A 274 -0.61 28.85 -2.98
C THR A 274 -0.75 30.24 -2.38
N CYS A 275 -0.57 31.33 -3.11
CA CYS A 275 -0.72 32.63 -2.40
C CYS A 275 -2.15 33.11 -2.35
N GLY A 276 -3.00 32.57 -3.24
CA GLY A 276 -4.31 33.11 -3.48
C GLY A 276 -4.82 32.54 -4.81
N PRO A 277 -6.03 32.98 -5.22
CA PRO A 277 -6.71 32.35 -6.32
C PRO A 277 -6.17 32.70 -7.71
N ASP A 278 -5.39 33.76 -7.88
CA ASP A 278 -4.95 34.18 -9.21
C ASP A 278 -3.49 33.86 -9.44
N PRO A 279 -3.19 32.81 -10.19
CA PRO A 279 -1.77 32.40 -10.33
C PRO A 279 -0.96 33.44 -11.06
N LYS A 280 -1.57 34.28 -11.90
CA LYS A 280 -0.79 35.28 -12.63
C LYS A 280 -0.23 36.28 -11.63
N VAL A 281 -0.97 36.51 -10.52
CA VAL A 281 -0.49 37.37 -9.44
C VAL A 281 0.48 36.60 -8.54
N CYS A 282 0.08 35.41 -8.08
CA CYS A 282 0.97 34.70 -7.16
C CYS A 282 2.33 34.36 -7.77
N CYS A 283 2.38 34.12 -9.10
CA CYS A 283 3.69 33.81 -9.71
C CYS A 283 4.68 34.94 -9.57
N GLN A 284 4.18 36.17 -9.50
CA GLN A 284 5.04 37.34 -9.29
C GLN A 284 5.65 37.38 -7.91
N PHE A 285 5.25 36.46 -7.01
CA PHE A 285 5.78 36.39 -5.67
C PHE A 285 6.56 35.09 -5.50
N ASP A 286 6.91 34.46 -6.61
CA ASP A 286 7.93 33.36 -6.59
C ASP A 286 9.22 33.98 -7.11
N PHE A 287 10.12 34.42 -6.21
CA PHE A 287 11.23 35.26 -6.66
C PHE A 287 12.29 34.45 -7.32
N LYS A 288 12.16 33.12 -7.44
CA LYS A 288 13.06 32.35 -8.29
C LYS A 288 12.74 32.44 -9.78
N ARG A 289 11.63 33.11 -10.13
CA ARG A 289 11.24 33.12 -11.53
C ARG A 289 11.69 34.38 -12.27
N MET A 290 12.74 35.08 -11.98
CA MET A 290 12.94 36.35 -12.74
C MET A 290 13.88 36.10 -13.91
N GLY A 291 14.44 34.87 -14.04
CA GLY A 291 15.21 34.58 -15.27
C GLY A 291 16.56 33.91 -15.11
N SER A 292 17.41 34.33 -14.17
CA SER A 292 18.73 33.73 -13.99
C SER A 292 18.71 32.28 -13.50
N PHE A 293 17.57 31.82 -12.98
CA PHE A 293 17.42 30.46 -12.50
C PHE A 293 16.75 29.59 -13.55
N GLY A 294 16.49 30.13 -14.74
CA GLY A 294 15.92 29.29 -15.78
C GLY A 294 14.45 29.02 -15.60
N LEU A 295 13.77 29.82 -14.83
CA LEU A 295 12.34 29.67 -14.60
C LEU A 295 11.66 30.98 -14.98
N SER A 296 10.39 30.88 -15.33
CA SER A 296 9.61 32.06 -15.68
C SER A 296 8.16 31.82 -15.30
N CYS A 297 7.34 32.83 -15.47
CA CYS A 297 5.91 32.74 -15.17
C CYS A 297 5.08 32.48 -16.42
N PRO A 298 4.34 31.38 -16.51
CA PRO A 298 3.56 31.12 -17.74
C PRO A 298 2.52 32.20 -18.03
N TRP A 299 2.05 32.92 -17.03
CA TRP A 299 1.08 34.00 -17.21
C TRP A 299 1.77 35.27 -17.69
N LYS A 300 3.07 35.26 -17.90
CA LYS A 300 3.75 36.30 -18.71
C LYS A 300 3.91 37.60 -17.93
N VAL A 301 3.75 37.58 -16.62
CA VAL A 301 4.10 38.72 -15.77
C VAL A 301 5.15 38.24 -14.78
N PRO A 302 6.39 38.73 -14.89
CA PRO A 302 7.43 38.16 -14.03
C PRO A 302 7.35 38.74 -12.63
N PRO A 303 8.04 38.10 -11.67
CA PRO A 303 8.25 38.74 -10.38
C PRO A 303 9.12 39.97 -10.53
N ARG A 304 8.96 40.96 -9.66
CA ARG A 304 9.85 42.10 -9.63
C ARG A 304 10.43 42.21 -8.24
N THR A 305 11.72 42.50 -8.17
CA THR A 305 12.39 42.66 -6.87
C THR A 305 11.68 43.71 -6.08
N ILE A 306 11.42 43.50 -4.77
CA ILE A 306 10.73 44.48 -3.94
C ILE A 306 11.68 45.57 -3.53
N SER A 307 11.19 46.80 -3.63
CA SER A 307 12.02 47.97 -3.30
C SER A 307 11.15 48.92 -2.54
N ASP A 308 11.78 49.93 -1.94
CA ASP A 308 10.93 50.89 -1.22
C ASP A 308 9.92 51.53 -2.17
N GLN A 309 10.30 51.73 -3.43
N GLN A 309 10.31 51.65 -3.40
CA GLN A 309 9.41 52.36 -4.39
CA GLN A 309 9.53 52.34 -4.32
C GLN A 309 8.21 51.57 -4.77
C GLN A 309 8.28 51.59 -4.74
N ASN A 310 8.34 50.26 -4.77
CA ASN A 310 7.20 49.46 -5.22
C ASN A 310 6.56 48.65 -4.09
N VAL A 311 7.08 48.70 -2.88
CA VAL A 311 6.63 47.73 -1.86
C VAL A 311 5.16 48.01 -1.55
N ALA A 312 4.70 49.27 -1.57
CA ALA A 312 3.27 49.50 -1.22
C ALA A 312 2.37 48.87 -2.25
N ALA A 313 2.71 49.03 -3.56
CA ALA A 313 1.88 48.47 -4.63
C ALA A 313 1.93 46.94 -4.63
N ARG A 314 3.10 46.37 -4.46
CA ARG A 314 3.27 44.90 -4.48
C ARG A 314 2.52 44.32 -3.28
N SER A 315 2.63 45.00 -2.12
CA SER A 315 1.91 44.54 -0.92
C SER A 315 0.43 44.57 -1.13
N ASP A 316 -0.07 45.62 -1.75
CA ASP A 316 -1.50 45.66 -2.03
C ASP A 316 -1.96 44.45 -2.85
N LEU A 317 -1.22 44.10 -3.89
CA LEU A 317 -1.57 42.96 -4.71
C LEU A 317 -1.53 41.66 -3.91
N LEU A 318 -0.50 41.53 -3.09
CA LEU A 318 -0.33 40.23 -2.38
C LEU A 318 -1.34 40.11 -1.28
N VAL A 319 -1.53 41.19 -0.53
CA VAL A 319 -2.50 41.08 0.59
C VAL A 319 -3.88 40.81 0.03
N ASP A 320 -4.21 41.40 -1.13
CA ASP A 320 -5.50 41.10 -1.75
C ASP A 320 -5.65 39.61 -2.07
N GLN A 321 -4.64 38.97 -2.62
CA GLN A 321 -4.67 37.51 -2.82
C GLN A 321 -4.85 36.77 -1.50
N TRP A 322 -4.09 37.16 -0.48
CA TRP A 322 -4.24 36.52 0.85
C TRP A 322 -5.66 36.64 1.38
N LYS A 323 -6.21 37.84 1.29
CA LYS A 323 -7.57 38.00 1.84
C LYS A 323 -8.59 37.22 1.05
N LYS A 324 -8.40 37.07 -0.23
CA LYS A 324 -9.29 36.17 -0.98
C LYS A 324 -9.13 34.72 -0.52
N LYS A 325 -7.90 34.25 -0.39
CA LYS A 325 -7.73 32.87 0.09
C LYS A 325 -8.36 32.70 1.46
N ALA A 326 -8.23 33.71 2.31
CA ALA A 326 -8.75 33.60 3.67
C ALA A 326 -10.27 33.47 3.65
N GLU A 327 -10.96 33.97 2.61
CA GLU A 327 -12.41 33.82 2.56
C GLU A 327 -12.87 32.36 2.49
N LEU A 328 -11.96 31.45 2.16
CA LEU A 328 -12.34 30.06 1.97
C LEU A 328 -12.22 29.31 3.28
N TYR A 329 -11.76 29.94 4.36
CA TYR A 329 -11.52 29.27 5.65
C TYR A 329 -12.18 30.04 6.78
N ARG A 330 -12.27 29.43 7.93
CA ARG A 330 -13.08 29.94 9.01
C ARG A 330 -12.36 30.76 10.06
N THR A 331 -11.06 30.72 10.16
CA THR A 331 -10.37 31.48 11.18
C THR A 331 -9.66 32.69 10.57
N ASN A 332 -9.06 33.50 11.46
CA ASN A 332 -8.22 34.59 10.95
C ASN A 332 -6.75 34.23 10.90
N VAL A 333 -6.45 32.93 10.75
CA VAL A 333 -5.08 32.45 10.63
C VAL A 333 -4.95 31.83 9.28
N LEU A 334 -4.01 32.29 8.45
CA LEU A 334 -3.95 31.84 7.04
C LEU A 334 -2.65 31.15 6.74
N LEU A 335 -2.76 29.98 6.07
CA LEU A 335 -1.56 29.24 5.69
C LEU A 335 -1.13 29.59 4.28
N ILE A 336 0.11 30.01 4.09
CA ILE A 336 0.62 30.31 2.76
C ILE A 336 1.88 29.47 2.55
N PRO A 337 1.77 28.26 1.99
CA PRO A 337 2.96 27.51 1.64
C PRO A 337 3.81 28.31 0.64
N LEU A 338 5.13 28.20 0.76
CA LEU A 338 6.03 28.89 -0.18
C LEU A 338 7.10 27.87 -0.63
N GLY A 339 6.84 27.19 -1.76
CA GLY A 339 7.82 26.14 -2.14
C GLY A 339 7.30 25.48 -3.40
N ASP A 340 8.11 24.50 -3.82
CA ASP A 340 7.87 23.73 -5.03
C ASP A 340 8.92 22.61 -5.02
N ASP A 341 8.96 21.88 -6.13
CA ASP A 341 9.82 20.69 -6.20
C ASP A 341 11.30 21.07 -6.15
N PHE A 342 12.00 20.43 -5.24
CA PHE A 342 13.47 20.60 -5.09
C PHE A 342 13.82 22.06 -5.03
N ARG A 343 12.98 22.86 -4.39
CA ARG A 343 13.32 24.28 -4.12
C ARG A 343 14.29 24.44 -2.94
N PHE A 344 14.73 25.70 -2.82
CA PHE A 344 15.66 26.13 -1.79
C PHE A 344 17.00 25.39 -1.87
N LYS A 345 17.49 25.35 -3.10
CA LYS A 345 18.75 24.71 -3.44
C LYS A 345 19.88 25.72 -3.38
N GLN A 346 19.88 26.66 -4.31
CA GLN A 346 20.99 27.60 -4.43
C GLN A 346 20.98 28.60 -3.29
N ASN A 347 22.14 29.01 -2.79
CA ASN A 347 22.19 30.15 -1.83
C ASN A 347 21.51 31.39 -2.34
N THR A 348 21.69 31.69 -3.65
CA THR A 348 21.07 32.87 -4.20
C THR A 348 19.55 32.73 -4.20
N GLU A 349 19.00 31.51 -4.28
CA GLU A 349 17.56 31.33 -4.15
C GLU A 349 17.04 31.56 -2.75
N TRP A 350 17.74 31.07 -1.75
CA TRP A 350 17.42 31.38 -0.36
C TRP A 350 17.34 32.88 -0.17
N ASP A 351 18.39 33.58 -0.67
CA ASP A 351 18.38 35.03 -0.48
C ASP A 351 17.24 35.71 -1.20
N VAL A 352 17.00 35.34 -2.47
CA VAL A 352 16.00 36.11 -3.23
C VAL A 352 14.62 35.91 -2.63
N GLN A 353 14.28 34.70 -2.12
CA GLN A 353 12.96 34.51 -1.53
C GLN A 353 12.94 35.23 -0.18
N ARG A 354 13.93 34.98 0.65
CA ARG A 354 13.92 35.56 1.99
C ARG A 354 13.90 37.09 1.97
N VAL A 355 14.78 37.71 1.20
CA VAL A 355 14.89 39.18 1.30
C VAL A 355 13.66 39.87 0.80
N ASN A 356 13.10 39.36 -0.31
CA ASN A 356 11.90 39.99 -0.88
C ASN A 356 10.74 39.81 0.07
N TYR A 357 10.54 38.62 0.64
CA TYR A 357 9.44 38.46 1.58
C TYR A 357 9.68 39.28 2.84
N GLU A 358 10.95 39.37 3.30
CA GLU A 358 11.13 40.24 4.48
C GLU A 358 10.70 41.66 4.19
N ARG A 359 10.96 42.14 2.99
CA ARG A 359 10.60 43.52 2.67
C ARG A 359 9.08 43.67 2.66
N LEU A 360 8.40 42.68 2.09
CA LEU A 360 6.95 42.69 2.11
C LEU A 360 6.42 42.68 3.54
N PHE A 361 6.95 41.81 4.39
CA PHE A 361 6.44 41.71 5.74
C PHE A 361 6.65 43.02 6.49
N GLU A 362 7.83 43.63 6.33
CA GLU A 362 8.07 44.87 7.09
C GLU A 362 7.02 45.90 6.68
N HIS A 363 6.77 46.03 5.37
CA HIS A 363 5.78 47.04 4.91
C HIS A 363 4.39 46.69 5.37
N ILE A 364 3.94 45.46 5.13
CA ILE A 364 2.58 45.10 5.45
C ILE A 364 2.28 45.21 6.92
N ASN A 365 3.19 44.73 7.74
CA ASN A 365 2.97 44.64 9.19
C ASN A 365 2.95 46.05 9.80
N SER A 366 3.58 47.00 9.09
CA SER A 366 3.70 48.36 9.67
C SER A 366 2.60 49.25 9.13
N GLN A 367 1.78 48.82 8.18
CA GLN A 367 0.71 49.62 7.61
C GLN A 367 -0.63 49.12 8.15
N ALA A 368 -1.08 49.84 9.18
CA ALA A 368 -2.31 49.38 9.86
C ALA A 368 -3.49 49.15 8.92
N HIS A 369 -3.62 49.89 7.80
CA HIS A 369 -4.82 49.73 6.96
C HIS A 369 -4.95 48.32 6.39
N PHE A 370 -3.88 47.52 6.34
CA PHE A 370 -4.02 46.18 5.82
C PHE A 370 -4.61 45.28 6.92
N ASN A 371 -4.39 45.60 8.20
CA ASN A 371 -4.81 44.75 9.29
C ASN A 371 -4.34 43.30 9.13
N VAL A 372 -3.08 43.16 8.76
CA VAL A 372 -2.40 41.90 8.57
C VAL A 372 -1.13 41.81 9.41
N GLN A 373 -0.84 40.65 10.01
CA GLN A 373 0.50 40.39 10.60
C GLN A 373 1.01 39.16 9.89
N ALA A 374 2.05 39.32 9.10
CA ALA A 374 2.55 38.24 8.28
C ALA A 374 3.99 37.90 8.67
N GLN A 375 4.29 36.61 8.63
CA GLN A 375 5.64 36.16 9.03
CA GLN A 375 5.65 36.17 9.01
C GLN A 375 5.95 34.80 8.43
N PHE A 376 7.22 34.46 8.39
CA PHE A 376 7.55 33.05 8.08
C PHE A 376 7.09 32.22 9.23
N GLY A 377 6.64 31.00 8.93
CA GLY A 377 6.20 30.15 10.03
C GLY A 377 6.42 28.68 9.60
N THR A 378 6.13 27.81 10.56
CA THR A 378 6.09 26.39 10.26
C THR A 378 4.64 25.92 10.26
N LEU A 379 4.49 24.64 9.82
CA LEU A 379 3.15 24.08 9.79
C LEU A 379 2.54 23.95 11.18
N GLN A 380 3.33 23.51 12.16
CA GLN A 380 2.79 23.39 13.51
C GLN A 380 2.35 24.76 14.05
N GLU A 381 3.11 25.79 13.70
N GLU A 381 3.13 25.78 13.70
CA GLU A 381 2.68 27.11 14.19
CA GLU A 381 2.76 27.14 14.12
C GLU A 381 1.35 27.51 13.59
C GLU A 381 1.38 27.51 13.59
N TYR A 382 1.12 27.22 12.31
CA TYR A 382 -0.19 27.48 11.71
C TYR A 382 -1.26 26.74 12.49
N PHE A 383 -1.13 25.44 12.68
CA PHE A 383 -2.24 24.71 13.35
C PHE A 383 -2.41 25.15 14.77
N ASP A 384 -1.33 25.45 15.50
CA ASP A 384 -1.52 25.93 16.86
C ASP A 384 -2.33 27.19 16.85
N ALA A 385 -2.04 28.10 15.93
CA ALA A 385 -2.81 29.37 15.96
C ALA A 385 -4.24 29.10 15.51
N VAL A 386 -4.50 28.17 14.57
CA VAL A 386 -5.88 27.88 14.20
C VAL A 386 -6.66 27.38 15.42
N HIS A 387 -6.05 26.50 16.17
CA HIS A 387 -6.82 25.96 17.33
C HIS A 387 -6.92 26.96 18.44
N GLN A 388 -5.98 27.88 18.56
CA GLN A 388 -6.19 28.98 19.50
C GLN A 388 -7.42 29.79 19.09
N ALA A 389 -7.59 30.02 17.79
CA ALA A 389 -8.79 30.77 17.33
C ALA A 389 -10.06 29.96 17.60
N GLU A 390 -9.99 28.63 17.35
CA GLU A 390 -11.13 27.76 17.63
C GLU A 390 -11.52 27.81 19.09
N ARG A 391 -10.49 27.72 19.94
CA ARG A 391 -10.75 27.76 21.40
C ARG A 391 -11.34 29.10 21.83
N ALA A 392 -10.96 30.19 21.14
CA ALA A 392 -11.46 31.51 21.49
C ALA A 392 -12.88 31.67 20.95
N GLY A 393 -13.45 30.65 20.34
CA GLY A 393 -14.82 30.70 19.87
C GLY A 393 -14.98 31.35 18.52
N GLN A 394 -13.89 31.50 17.79
CA GLN A 394 -14.04 32.12 16.49
C GLN A 394 -14.51 31.24 15.34
N ALA A 395 -14.43 29.93 15.52
CA ALA A 395 -14.78 28.99 14.47
C ALA A 395 -15.16 27.65 15.07
N GLU A 396 -16.08 26.95 14.42
CA GLU A 396 -16.35 25.56 14.72
C GLU A 396 -16.09 24.86 13.41
N PHE A 397 -15.60 23.64 13.47
CA PHE A 397 -15.24 22.95 12.24
C PHE A 397 -16.18 21.80 11.94
N PRO A 398 -16.46 21.58 10.67
CA PRO A 398 -17.33 20.47 10.28
C PRO A 398 -16.63 19.15 10.49
N THR A 399 -17.44 18.10 10.61
CA THR A 399 -16.99 16.71 10.62
C THR A 399 -17.15 16.13 9.23
N LEU A 400 -16.22 15.22 8.93
CA LEU A 400 -16.22 14.61 7.60
C LEU A 400 -15.82 13.16 7.71
N SER A 401 -16.46 12.31 6.86
CA SER A 401 -15.90 10.96 6.65
C SER A 401 -15.94 10.69 5.15
N GLY A 402 -15.11 9.71 4.77
CA GLY A 402 -15.03 9.30 3.37
C GLY A 402 -13.55 9.34 2.91
N ASP A 403 -13.40 9.24 1.59
CA ASP A 403 -12.04 9.31 0.99
C ASP A 403 -12.06 10.34 -0.13
N PHE A 404 -10.91 10.54 -0.72
CA PHE A 404 -10.69 11.49 -1.79
C PHE A 404 -10.07 10.82 -3.01
N PHE A 405 -10.70 9.72 -3.41
CA PHE A 405 -10.41 9.05 -4.67
C PHE A 405 -11.69 9.05 -5.52
N THR A 406 -11.65 9.10 -6.85
CA THR A 406 -10.43 9.20 -7.64
C THR A 406 -10.17 10.64 -8.02
N TYR A 407 -8.92 11.04 -7.80
CA TYR A 407 -8.51 12.41 -8.09
C TYR A 407 -8.59 12.73 -9.59
N ALA A 408 -9.02 13.95 -9.85
CA ALA A 408 -8.82 14.56 -11.19
C ALA A 408 -8.31 15.96 -10.94
N ASP A 409 -7.29 16.38 -11.66
CA ASP A 409 -6.72 17.72 -11.46
C ASP A 409 -7.35 18.69 -12.45
N ARG A 410 -7.89 18.20 -13.55
CA ARG A 410 -8.58 19.05 -14.52
C ARG A 410 -9.41 18.21 -15.48
N SER A 411 -10.47 18.81 -16.01
N SER A 411 -10.47 18.83 -16.01
CA SER A 411 -11.35 18.23 -17.03
CA SER A 411 -11.21 18.22 -17.10
C SER A 411 -11.68 16.77 -16.72
C SER A 411 -11.66 16.80 -16.75
N ASP A 412 -11.41 15.87 -17.65
CA ASP A 412 -11.73 14.46 -17.40
C ASP A 412 -10.48 13.68 -17.09
N ASN A 413 -9.45 14.38 -16.61
CA ASN A 413 -8.15 13.70 -16.43
C ASN A 413 -8.12 13.10 -15.01
N TYR A 414 -8.68 11.90 -14.91
CA TYR A 414 -8.74 11.15 -13.65
C TYR A 414 -7.51 10.26 -13.52
N TRP A 415 -6.94 10.30 -12.32
CA TRP A 415 -5.67 9.63 -12.10
C TRP A 415 -5.89 8.19 -11.60
N SER A 416 -6.61 7.40 -12.41
CA SER A 416 -6.83 6.00 -12.03
C SER A 416 -5.83 5.09 -12.74
N GLY A 417 -5.00 5.61 -13.68
CA GLY A 417 -4.02 4.71 -14.32
C GLY A 417 -3.00 4.18 -13.34
N TYR A 418 -2.57 4.96 -12.38
CA TYR A 418 -1.50 4.53 -11.49
C TYR A 418 -1.95 3.54 -10.47
N TYR A 419 -3.27 3.24 -10.43
CA TYR A 419 -3.72 2.09 -9.64
C TYR A 419 -3.20 0.79 -10.22
N THR A 420 -2.69 0.81 -11.45
CA THR A 420 -2.21 -0.41 -12.10
C THR A 420 -0.82 -0.32 -12.64
N SER A 421 -0.32 0.90 -12.96
CA SER A 421 0.98 1.00 -13.63
C SER A 421 2.09 0.26 -12.94
N ARG A 422 2.94 -0.39 -13.73
CA ARG A 422 4.09 -1.19 -13.21
C ARG A 422 3.59 -2.20 -12.17
N PRO A 423 2.68 -3.09 -12.65
CA PRO A 423 2.11 -4.05 -11.71
C PRO A 423 3.07 -5.09 -11.20
N TYR A 424 4.21 -5.35 -11.86
CA TYR A 424 5.19 -6.29 -11.31
C TYR A 424 5.62 -5.80 -9.93
N HIS A 425 5.91 -4.48 -9.85
CA HIS A 425 6.46 -3.95 -8.58
C HIS A 425 5.37 -3.77 -7.55
N LYS A 426 4.12 -3.54 -8.01
CA LYS A 426 2.98 -3.54 -7.08
C LYS A 426 2.86 -4.86 -6.42
N ARG A 427 3.00 -5.98 -7.18
CA ARG A 427 2.96 -7.31 -6.56
C ARG A 427 4.17 -7.53 -5.65
N MET A 428 5.36 -7.11 -6.13
CA MET A 428 6.57 -7.25 -5.31
C MET A 428 6.41 -6.54 -3.97
N ASP A 429 5.72 -5.39 -3.95
CA ASP A 429 5.49 -4.68 -2.69
C ASP A 429 4.82 -5.61 -1.67
N ARG A 430 3.80 -6.37 -2.14
CA ARG A 430 3.07 -7.20 -1.16
C ARG A 430 3.88 -8.39 -0.72
N VAL A 431 4.73 -8.90 -1.63
CA VAL A 431 5.62 -10.02 -1.26
C VAL A 431 6.56 -9.52 -0.17
N LEU A 432 7.23 -8.39 -0.44
CA LEU A 432 8.19 -7.89 0.53
C LEU A 432 7.50 -7.47 1.82
N MET A 433 6.27 -6.94 1.73
CA MET A 433 5.53 -6.61 2.93
C MET A 433 5.51 -7.79 3.90
N HIS A 434 5.18 -8.94 3.34
CA HIS A 434 5.04 -10.16 4.12
C HIS A 434 6.40 -10.65 4.59
N TYR A 435 7.42 -10.58 3.73
N TYR A 435 7.43 -10.60 3.73
CA TYR A 435 8.71 -11.13 4.21
CA TYR A 435 8.77 -11.05 4.10
C TYR A 435 9.32 -10.20 5.25
C TYR A 435 9.33 -10.19 5.24
N VAL A 436 9.06 -8.89 5.22
CA VAL A 436 9.53 -8.06 6.32
C VAL A 436 8.82 -8.46 7.59
N ARG A 437 7.49 -8.60 7.55
CA ARG A 437 6.80 -9.06 8.78
C ARG A 437 7.37 -10.36 9.27
N ALA A 438 7.54 -11.34 8.39
CA ALA A 438 7.97 -12.67 8.84
C ALA A 438 9.37 -12.61 9.38
N ALA A 439 10.27 -11.82 8.76
CA ALA A 439 11.65 -11.74 9.25
C ALA A 439 11.74 -11.05 10.60
N GLU A 440 10.95 -9.99 10.78
CA GLU A 440 10.98 -9.31 12.05
C GLU A 440 10.39 -10.20 13.11
N MET A 441 9.30 -10.93 12.81
CA MET A 441 8.65 -11.78 13.82
C MET A 441 9.52 -12.96 14.15
N LEU A 442 10.05 -13.67 13.17
CA LEU A 442 10.87 -14.87 13.44
C LEU A 442 12.09 -14.52 14.26
N SER A 443 12.70 -13.36 13.95
CA SER A 443 13.93 -13.04 14.66
C SER A 443 13.67 -12.35 16.00
N ALA A 444 12.44 -11.94 16.24
CA ALA A 444 12.11 -11.25 17.51
C ALA A 444 12.17 -12.19 18.70
N TRP A 445 11.95 -13.49 18.50
CA TRP A 445 11.87 -14.41 19.66
C TRP A 445 13.15 -14.47 20.45
N HIS A 446 14.30 -14.18 19.84
CA HIS A 446 15.55 -14.17 20.55
C HIS A 446 16.23 -12.80 20.45
N SER A 447 17.17 -12.55 21.38
CA SER A 447 18.24 -11.58 21.17
C SER A 447 19.37 -12.18 20.36
N TRP A 448 19.96 -11.39 19.50
CA TRP A 448 21.00 -11.87 18.62
C TRP A 448 22.30 -11.13 18.87
N ASP A 449 23.39 -11.86 18.86
CA ASP A 449 24.70 -11.23 18.86
C ASP A 449 24.84 -10.26 17.72
N GLY A 450 25.55 -9.15 17.91
CA GLY A 450 25.76 -8.24 16.78
C GLY A 450 26.44 -8.90 15.60
N MET A 451 27.23 -9.97 15.77
CA MET A 451 27.88 -10.64 14.65
C MET A 451 26.88 -11.27 13.68
N ALA A 452 25.66 -11.50 14.13
CA ALA A 452 24.65 -12.11 13.28
C ALA A 452 24.11 -11.08 12.31
N ARG A 453 24.30 -9.77 12.53
CA ARG A 453 23.89 -8.73 11.59
C ARG A 453 22.38 -8.79 11.38
N ILE A 454 21.61 -9.20 12.38
CA ILE A 454 20.15 -9.26 12.23
C ILE A 454 19.57 -7.84 12.13
N GLU A 455 19.96 -6.96 13.05
CA GLU A 455 19.42 -5.62 13.02
C GLU A 455 19.80 -4.91 11.73
N GLU A 456 21.01 -5.12 11.27
CA GLU A 456 21.45 -4.50 10.02
C GLU A 456 20.60 -4.94 8.83
N ARG A 457 20.38 -6.24 8.71
CA ARG A 457 19.60 -6.75 7.59
C ARG A 457 18.13 -6.30 7.68
N LEU A 458 17.59 -6.29 8.89
CA LEU A 458 16.20 -5.84 9.02
C LEU A 458 16.06 -4.36 8.75
N GLU A 459 17.04 -3.55 9.18
CA GLU A 459 16.92 -2.12 8.88
C GLU A 459 16.97 -1.91 7.39
N GLN A 460 17.86 -2.61 6.69
CA GLN A 460 17.91 -2.49 5.25
C GLN A 460 16.56 -2.87 4.64
N ALA A 461 16.01 -4.00 5.07
CA ALA A 461 14.75 -4.43 4.46
C ALA A 461 13.62 -3.46 4.71
N ARG A 462 13.53 -2.98 5.95
CA ARG A 462 12.48 -2.01 6.28
C ARG A 462 12.65 -0.74 5.44
N ARG A 463 13.91 -0.29 5.29
CA ARG A 463 14.09 0.97 4.58
C ARG A 463 13.81 0.84 3.11
N GLU A 464 14.18 -0.28 2.45
CA GLU A 464 13.91 -0.36 1.02
C GLU A 464 12.43 -0.50 0.75
N LEU A 465 11.71 -1.25 1.60
CA LEU A 465 10.25 -1.33 1.44
C LEU A 465 9.63 0.02 1.72
N SER A 466 10.10 0.69 2.78
CA SER A 466 9.56 2.00 3.13
C SER A 466 9.76 2.99 1.96
N LEU A 467 10.95 2.97 1.36
CA LEU A 467 11.23 3.89 0.24
C LEU A 467 10.23 3.66 -0.87
N PHE A 468 9.89 2.40 -1.16
CA PHE A 468 9.00 2.12 -2.27
C PHE A 468 7.58 2.59 -1.98
N GLN A 469 7.24 2.91 -0.71
CA GLN A 469 5.90 3.48 -0.51
C GLN A 469 5.76 4.89 -1.05
N HIS A 470 6.85 5.50 -1.47
CA HIS A 470 6.82 6.81 -2.10
C HIS A 470 5.75 6.90 -3.19
N HIS A 471 5.15 8.08 -3.33
CA HIS A 471 4.10 8.31 -4.33
C HIS A 471 4.61 8.33 -5.77
N ASP A 472 5.91 8.07 -6.02
CA ASP A 472 6.33 7.68 -7.38
C ASP A 472 6.94 6.27 -7.39
N GLY A 473 6.83 5.53 -6.29
CA GLY A 473 7.43 4.17 -6.22
C GLY A 473 6.34 3.18 -6.54
N ILE A 474 5.57 2.76 -5.52
CA ILE A 474 4.53 1.75 -5.75
C ILE A 474 3.55 2.21 -6.79
N THR A 475 3.36 3.50 -6.99
CA THR A 475 2.43 4.01 -7.99
C THR A 475 2.80 3.72 -9.42
N GLY A 476 4.07 3.33 -9.65
CA GLY A 476 4.39 3.05 -11.04
C GLY A 476 4.54 4.31 -11.89
N THR A 477 4.89 5.42 -11.28
CA THR A 477 4.98 6.68 -12.01
C THR A 477 6.42 7.20 -12.09
N ALA A 478 7.44 6.32 -11.98
CA ALA A 478 8.82 6.81 -12.09
C ALA A 478 9.43 6.44 -13.42
N LYS A 479 10.57 7.07 -13.76
N LYS A 479 10.55 7.07 -13.80
CA LYS A 479 11.25 6.69 -15.00
CA LYS A 479 11.15 6.68 -15.08
C LYS A 479 11.69 5.24 -14.94
C LYS A 479 11.75 5.28 -14.96
N THR A 480 11.90 4.64 -16.12
CA THR A 480 12.32 3.24 -16.16
C THR A 480 13.53 2.92 -15.31
N HIS A 481 14.57 3.76 -15.39
CA HIS A 481 15.79 3.40 -14.64
C HIS A 481 15.56 3.57 -13.15
N VAL A 482 14.56 4.37 -12.77
CA VAL A 482 14.25 4.55 -11.33
C VAL A 482 13.46 3.34 -10.82
N VAL A 483 12.52 2.85 -11.67
CA VAL A 483 11.84 1.61 -11.31
C VAL A 483 12.86 0.49 -11.15
N VAL A 484 13.90 0.43 -11.99
CA VAL A 484 14.92 -0.62 -11.82
C VAL A 484 15.61 -0.41 -10.49
N ASP A 485 15.91 0.79 -10.08
CA ASP A 485 16.56 1.03 -8.76
C ASP A 485 15.66 0.57 -7.66
N TYR A 486 14.37 0.90 -7.68
CA TYR A 486 13.48 0.39 -6.62
C TYR A 486 13.44 -1.11 -6.63
N GLU A 487 13.40 -1.75 -7.78
CA GLU A 487 13.33 -3.21 -7.84
C GLU A 487 14.59 -3.83 -7.25
N GLN A 488 15.73 -3.25 -7.56
CA GLN A 488 17.01 -3.79 -7.09
C GLN A 488 17.07 -3.66 -5.59
N ARG A 489 16.61 -2.53 -5.08
CA ARG A 489 16.58 -2.29 -3.60
C ARG A 489 15.69 -3.33 -2.96
N MET A 490 14.49 -3.54 -3.59
CA MET A 490 13.57 -4.52 -2.99
C MET A 490 14.13 -5.94 -3.09
N GLN A 491 14.86 -6.24 -4.15
CA GLN A 491 15.47 -7.55 -4.23
C GLN A 491 16.47 -7.77 -3.12
N GLU A 492 17.29 -6.75 -2.85
CA GLU A 492 18.25 -6.85 -1.73
C GLU A 492 17.52 -7.01 -0.41
N ALA A 493 16.37 -6.30 -0.30
CA ALA A 493 15.58 -6.42 0.92
C ALA A 493 15.03 -7.85 1.05
N LEU A 494 14.56 -8.46 -0.05
CA LEU A 494 14.07 -9.84 0.06
C LEU A 494 15.17 -10.79 0.51
N LYS A 495 16.41 -10.59 -0.02
CA LYS A 495 17.53 -11.44 0.35
C LYS A 495 17.84 -11.26 1.84
N ALA A 496 17.75 -10.02 2.34
CA ALA A 496 18.01 -9.75 3.75
C ALA A 496 16.97 -10.45 4.59
N CYS A 497 15.69 -10.37 4.17
CA CYS A 497 14.63 -11.07 4.93
C CYS A 497 14.89 -12.57 4.93
N GLN A 498 15.21 -13.14 3.79
CA GLN A 498 15.48 -14.57 3.74
C GLN A 498 16.58 -14.94 4.70
N MET A 499 17.65 -14.15 4.73
CA MET A 499 18.79 -14.49 5.61
C MET A 499 18.35 -14.51 7.04
N VAL A 500 17.61 -13.46 7.43
CA VAL A 500 17.19 -13.39 8.84
C VAL A 500 16.22 -14.51 9.13
N MET A 501 15.27 -14.75 8.25
CA MET A 501 14.25 -15.80 8.54
C MET A 501 14.94 -17.14 8.67
N GLN A 502 15.87 -17.50 7.77
CA GLN A 502 16.42 -18.87 7.81
C GLN A 502 17.34 -19.02 9.03
N GLN A 503 18.11 -17.98 9.38
CA GLN A 503 18.89 -18.11 10.62
C GLN A 503 17.97 -18.32 11.82
N SER A 504 16.84 -17.60 11.80
CA SER A 504 15.90 -17.71 12.93
C SER A 504 15.25 -19.09 13.02
N VAL A 505 14.84 -19.65 11.89
CA VAL A 505 14.29 -21.00 11.91
C VAL A 505 15.32 -22.01 12.43
N TYR A 506 16.54 -21.88 11.95
N TYR A 506 16.58 -21.93 11.98
CA TYR A 506 17.56 -22.82 12.41
CA TYR A 506 17.62 -22.85 12.41
C TYR A 506 17.73 -22.73 13.92
C TYR A 506 17.74 -22.74 13.94
N ARG A 507 17.72 -21.52 14.48
CA ARG A 507 17.84 -21.37 15.93
C ARG A 507 16.61 -21.87 16.65
N LEU A 508 15.40 -21.62 16.16
CA LEU A 508 14.17 -21.96 16.87
C LEU A 508 13.91 -23.46 16.83
N LEU A 509 14.47 -24.20 15.88
CA LEU A 509 14.17 -25.64 15.74
C LEU A 509 15.42 -26.48 15.89
N THR A 510 16.49 -26.01 16.51
CA THR A 510 17.61 -26.92 16.78
C THR A 510 17.82 -27.01 18.30
N LYS A 511 18.11 -28.20 18.79
CA LYS A 511 18.30 -28.43 20.22
C LYS A 511 19.32 -27.45 20.71
N PRO A 512 19.04 -26.68 21.72
CA PRO A 512 19.98 -25.63 22.14
C PRO A 512 21.39 -26.06 22.37
N SER A 513 21.65 -27.22 22.97
CA SER A 513 23.06 -27.57 23.24
C SER A 513 23.76 -28.07 22.01
N ILE A 514 23.06 -28.17 20.87
CA ILE A 514 23.67 -28.56 19.61
C ILE A 514 23.83 -27.36 18.69
N TYR A 515 22.96 -26.35 18.84
CA TYR A 515 22.98 -25.18 17.97
C TYR A 515 24.35 -24.55 17.86
N SER A 516 24.85 -24.41 16.62
CA SER A 516 26.23 -23.95 16.36
C SER A 516 26.26 -23.13 15.08
N PRO A 517 25.71 -21.91 15.17
CA PRO A 517 25.47 -21.17 13.94
C PRO A 517 26.74 -20.51 13.38
N ASP A 518 26.73 -20.52 12.06
CA ASP A 518 27.59 -19.67 11.22
C ASP A 518 26.63 -18.61 10.68
N PHE A 519 26.77 -17.36 11.12
CA PHE A 519 25.74 -16.37 10.72
C PHE A 519 25.79 -16.00 9.26
N SER A 520 26.76 -16.51 8.52
CA SER A 520 26.85 -16.20 7.08
C SER A 520 26.30 -17.37 6.29
N PHE A 521 25.97 -18.52 6.93
CA PHE A 521 25.60 -19.73 6.17
C PHE A 521 24.12 -19.79 5.87
N SER A 522 23.73 -20.47 4.78
CA SER A 522 22.30 -20.67 4.47
C SER A 522 21.91 -22.07 4.94
N TYR A 523 21.31 -22.14 6.12
CA TYR A 523 20.77 -23.40 6.63
C TYR A 523 19.51 -23.79 5.88
N PHE A 524 18.74 -22.83 5.46
CA PHE A 524 17.53 -23.09 4.68
C PHE A 524 17.49 -22.12 3.48
N THR A 525 16.80 -22.58 2.43
CA THR A 525 16.38 -21.59 1.44
C THR A 525 14.85 -21.49 1.43
N LEU A 526 14.38 -20.29 1.16
CA LEU A 526 12.95 -20.09 0.99
C LEU A 526 12.50 -20.68 -0.33
N ASP A 527 11.31 -21.26 -0.32
CA ASP A 527 10.67 -21.69 -1.56
C ASP A 527 9.36 -20.90 -1.67
N ASP A 528 9.20 -20.14 -2.71
CA ASP A 528 8.01 -19.32 -2.85
C ASP A 528 7.38 -19.69 -4.19
N SER A 529 6.19 -20.26 -4.13
CA SER A 529 5.53 -20.74 -5.32
C SER A 529 4.92 -19.60 -6.13
N ARG A 530 4.76 -18.40 -5.54
CA ARG A 530 4.01 -17.38 -6.29
C ARG A 530 4.80 -16.14 -6.48
N TRP A 531 6.07 -16.12 -6.15
CA TRP A 531 6.89 -14.94 -6.45
C TRP A 531 8.31 -15.41 -6.77
N PRO A 532 8.90 -15.01 -7.86
CA PRO A 532 8.28 -14.20 -8.94
C PRO A 532 7.22 -14.96 -9.71
N GLY A 533 7.14 -16.28 -9.55
CA GLY A 533 6.03 -17.01 -10.19
C GLY A 533 6.48 -17.62 -11.49
N SER A 534 5.83 -18.74 -11.83
CA SER A 534 6.07 -19.48 -13.07
C SER A 534 6.07 -18.47 -14.22
N GLY A 535 6.76 -18.64 -15.34
CA GLY A 535 6.79 -17.70 -16.45
C GLY A 535 7.29 -16.29 -16.21
N VAL A 536 7.50 -15.93 -14.94
CA VAL A 536 8.09 -14.73 -14.42
C VAL A 536 9.55 -15.03 -14.08
N GLU A 537 9.77 -16.23 -13.53
CA GLU A 537 11.10 -16.68 -13.21
C GLU A 537 11.03 -17.98 -12.37
N ASP A 538 11.71 -18.97 -12.90
CA ASP A 538 11.99 -20.29 -12.38
C ASP A 538 13.08 -20.15 -11.31
N SER A 539 12.70 -19.50 -10.23
CA SER A 539 13.66 -19.30 -9.14
C SER A 539 13.58 -20.55 -8.25
N ARG A 540 12.62 -21.43 -8.52
CA ARG A 540 12.33 -22.47 -7.55
C ARG A 540 13.30 -23.63 -7.60
N THR A 541 13.84 -23.96 -6.44
CA THR A 541 14.80 -25.05 -6.39
C THR A 541 14.02 -26.36 -6.26
N THR A 542 14.63 -27.33 -6.91
CA THR A 542 14.10 -28.67 -6.83
C THR A 542 14.79 -29.38 -5.69
N ILE A 543 14.04 -30.06 -4.83
CA ILE A 543 14.61 -30.96 -3.84
C ILE A 543 15.06 -32.24 -4.53
N ILE A 544 16.39 -32.43 -4.50
CA ILE A 544 16.96 -33.56 -5.22
C ILE A 544 17.18 -34.74 -4.28
N LEU A 545 16.41 -35.78 -4.59
CA LEU A 545 16.42 -37.00 -3.81
C LEU A 545 16.80 -38.17 -4.72
N GLY A 546 17.36 -39.21 -4.18
CA GLY A 546 17.72 -40.37 -4.99
C GLY A 546 18.45 -41.35 -4.10
N GLU A 547 18.31 -42.63 -4.44
CA GLU A 547 18.92 -43.68 -3.62
C GLU A 547 20.42 -43.58 -3.52
N ASP A 548 21.03 -43.03 -4.57
CA ASP A 548 22.50 -42.92 -4.52
C ASP A 548 23.00 -41.54 -4.14
N ILE A 549 22.10 -40.70 -3.56
CA ILE A 549 22.56 -39.37 -3.14
C ILE A 549 21.92 -38.88 -1.85
N LEU A 550 20.62 -39.00 -1.67
CA LEU A 550 19.98 -38.41 -0.52
C LEU A 550 18.56 -38.97 -0.42
N PRO A 551 18.25 -39.74 0.62
CA PRO A 551 16.90 -40.30 0.67
C PRO A 551 15.77 -39.38 1.09
N SER A 552 16.11 -38.30 1.82
CA SER A 552 15.03 -37.51 2.38
C SER A 552 15.49 -36.07 2.67
N LYS A 553 14.51 -35.22 2.84
CA LYS A 553 14.74 -33.79 3.09
C LYS A 553 13.72 -33.21 4.07
N HIS A 554 14.24 -32.49 5.04
CA HIS A 554 13.40 -31.69 5.95
C HIS A 554 12.98 -30.37 5.30
N VAL A 555 11.72 -30.07 5.47
CA VAL A 555 11.14 -28.77 5.12
C VAL A 555 10.46 -28.21 6.36
N VAL A 556 10.40 -26.87 6.43
CA VAL A 556 9.80 -26.23 7.58
C VAL A 556 8.82 -25.14 7.10
N MET A 557 7.63 -25.14 7.68
CA MET A 557 6.68 -24.06 7.39
C MET A 557 6.57 -23.11 8.57
N HIS A 558 6.45 -21.82 8.25
CA HIS A 558 6.23 -20.77 9.25
C HIS A 558 4.85 -20.19 9.01
N ASN A 559 4.16 -19.88 10.11
CA ASN A 559 2.84 -19.27 10.07
C ASN A 559 2.87 -17.99 10.86
N THR A 560 2.92 -16.83 10.19
CA THR A 560 3.05 -15.55 10.92
C THR A 560 1.73 -15.14 11.58
N LEU A 561 0.62 -15.76 11.21
CA LEU A 561 -0.66 -15.37 11.83
C LEU A 561 -0.84 -16.03 13.19
N PRO A 562 -1.51 -15.32 14.10
CA PRO A 562 -1.65 -15.83 15.48
C PRO A 562 -2.81 -16.79 15.68
N HIS A 563 -2.98 -17.71 14.74
CA HIS A 563 -3.94 -18.80 14.96
C HIS A 563 -3.40 -20.04 14.29
N TRP A 564 -3.77 -21.22 14.78
CA TRP A 564 -3.39 -22.43 14.04
C TRP A 564 -3.86 -22.35 12.60
N ARG A 565 -3.02 -22.76 11.68
CA ARG A 565 -3.42 -22.67 10.28
C ARG A 565 -3.01 -23.90 9.52
N GLU A 566 -3.94 -24.40 8.71
CA GLU A 566 -3.61 -25.38 7.69
C GLU A 566 -3.59 -24.72 6.31
N GLN A 567 -2.64 -25.14 5.51
CA GLN A 567 -2.58 -24.62 4.14
C GLN A 567 -1.88 -25.68 3.30
N LEU A 568 -2.39 -25.91 2.07
CA LEU A 568 -1.60 -26.77 1.22
C LEU A 568 -0.31 -26.06 0.85
N VAL A 569 0.77 -26.80 0.84
CA VAL A 569 2.09 -26.30 0.40
C VAL A 569 2.62 -27.20 -0.65
N ASP A 570 3.37 -26.67 -1.60
CA ASP A 570 3.97 -27.50 -2.63
C ASP A 570 5.47 -27.25 -2.73
N PHE A 571 6.16 -28.31 -3.15
CA PHE A 571 7.56 -28.22 -3.39
C PHE A 571 7.89 -28.95 -4.69
N TYR A 572 9.00 -28.57 -5.35
CA TYR A 572 9.47 -29.34 -6.50
C TYR A 572 10.38 -30.44 -6.00
N VAL A 573 10.20 -31.63 -6.55
CA VAL A 573 11.03 -32.78 -6.17
C VAL A 573 11.51 -33.51 -7.40
N SER A 574 12.65 -34.21 -7.28
CA SER A 574 13.25 -34.82 -8.47
C SER A 574 12.67 -36.21 -8.75
N SER A 575 11.64 -36.66 -8.03
CA SER A 575 11.01 -37.96 -8.28
C SER A 575 9.51 -37.88 -8.01
N PRO A 576 8.67 -38.62 -8.69
CA PRO A 576 7.25 -38.58 -8.36
C PRO A 576 7.01 -39.48 -7.14
N PHE A 577 7.98 -40.32 -6.74
CA PHE A 577 7.74 -41.30 -5.69
C PHE A 577 8.27 -40.78 -4.35
N VAL A 578 7.44 -39.83 -3.83
CA VAL A 578 7.86 -39.13 -2.64
C VAL A 578 6.68 -39.17 -1.68
N SER A 579 7.03 -39.40 -0.41
CA SER A 579 5.98 -39.36 0.61
C SER A 579 6.39 -38.41 1.73
N VAL A 580 5.35 -37.99 2.43
CA VAL A 580 5.54 -36.96 3.44
C VAL A 580 5.21 -37.52 4.82
N THR A 581 6.03 -37.11 5.80
CA THR A 581 5.75 -37.44 7.20
C THR A 581 5.90 -36.15 8.04
N ASP A 582 5.22 -36.10 9.18
CA ASP A 582 5.44 -35.04 10.15
C ASP A 582 6.58 -35.42 11.06
N LEU A 583 6.94 -34.62 12.05
CA LEU A 583 8.12 -35.06 12.77
C LEU A 583 7.75 -35.91 13.98
N ALA A 584 6.56 -36.52 14.00
CA ALA A 584 6.39 -37.80 14.71
C ALA A 584 6.36 -39.01 13.78
N ASN A 585 6.82 -38.84 12.56
CA ASN A 585 6.83 -39.87 11.58
C ASN A 585 5.41 -40.32 11.21
N ASN A 586 4.40 -39.49 11.41
CA ASN A 586 3.01 -39.82 11.01
C ASN A 586 2.91 -39.55 9.50
N PRO A 587 2.41 -40.44 8.69
CA PRO A 587 2.25 -40.15 7.26
C PRO A 587 1.32 -38.96 7.09
N VAL A 588 1.59 -38.17 6.06
CA VAL A 588 0.75 -37.05 5.66
C VAL A 588 0.31 -37.29 4.22
N GLU A 589 -0.99 -37.19 3.97
CA GLU A 589 -1.48 -37.39 2.63
CA GLU A 589 -1.49 -37.39 2.62
C GLU A 589 -0.90 -36.36 1.66
N ALA A 590 -0.51 -36.78 0.47
CA ALA A 590 0.14 -35.87 -0.45
C ALA A 590 -0.35 -36.18 -1.84
N GLN A 591 -0.17 -35.20 -2.71
CA GLN A 591 -0.56 -35.34 -4.11
C GLN A 591 0.64 -34.95 -4.93
N VAL A 592 0.99 -35.72 -5.95
CA VAL A 592 2.01 -35.31 -6.88
C VAL A 592 1.40 -34.96 -8.22
N SER A 593 1.84 -33.87 -8.80
CA SER A 593 1.39 -33.32 -10.07
C SER A 593 2.62 -33.06 -10.92
N PRO A 594 2.43 -32.93 -12.23
CA PRO A 594 3.59 -32.58 -13.03
C PRO A 594 4.01 -31.13 -12.83
N VAL A 595 5.20 -30.79 -13.31
CA VAL A 595 5.60 -29.36 -13.37
C VAL A 595 5.32 -28.93 -14.79
N TRP A 596 4.32 -28.11 -14.97
CA TRP A 596 3.90 -27.60 -16.25
C TRP A 596 4.36 -26.17 -16.45
N SER A 597 4.93 -25.90 -17.60
CA SER A 597 5.28 -24.53 -17.92
CA SER A 597 5.48 -24.65 -18.06
C SER A 597 4.72 -24.20 -19.31
N TRP A 598 4.35 -22.95 -19.42
CA TRP A 598 3.69 -22.52 -20.66
C TRP A 598 4.66 -21.80 -21.58
N HIS A 599 4.47 -22.05 -22.86
CA HIS A 599 5.45 -21.59 -23.83
C HIS A 599 4.74 -20.89 -24.96
N HIS A 600 5.20 -19.73 -25.40
CA HIS A 600 4.72 -19.23 -26.67
C HIS A 600 5.58 -19.81 -27.74
N ASP A 601 4.99 -20.73 -28.47
CA ASP A 601 5.69 -21.46 -29.54
C ASP A 601 5.63 -20.63 -30.82
N THR A 602 6.78 -20.07 -31.16
CA THR A 602 7.01 -19.11 -32.24
C THR A 602 6.99 -19.88 -33.55
N LEU A 603 7.03 -21.22 -33.47
CA LEU A 603 6.85 -21.94 -34.73
C LEU A 603 5.41 -22.31 -34.97
N THR A 604 4.61 -22.93 -34.09
CA THR A 604 3.21 -23.30 -34.28
C THR A 604 2.28 -22.11 -34.01
N LYS A 605 2.85 -21.04 -33.44
CA LYS A 605 2.02 -19.87 -33.15
C LYS A 605 0.89 -20.25 -32.19
N THR A 606 1.24 -21.08 -31.21
CA THR A 606 0.26 -21.37 -30.17
C THR A 606 0.92 -21.17 -28.83
N ILE A 607 0.12 -21.04 -27.80
CA ILE A 607 0.60 -20.99 -26.40
C ILE A 607 0.20 -22.29 -25.73
N HIS A 608 1.17 -23.09 -25.31
CA HIS A 608 0.84 -24.43 -24.84
C HIS A 608 1.80 -24.87 -23.75
N PRO A 609 1.36 -25.82 -22.95
CA PRO A 609 2.16 -26.26 -21.82
C PRO A 609 3.07 -27.44 -22.17
N GLN A 610 4.21 -27.43 -21.53
CA GLN A 610 5.17 -28.54 -21.60
C GLN A 610 5.37 -29.10 -20.20
N GLY A 611 5.45 -30.42 -20.06
CA GLY A 611 5.69 -30.95 -18.72
C GLY A 611 7.14 -31.39 -18.56
N SER A 612 7.63 -31.27 -17.32
CA SER A 612 8.94 -31.78 -17.05
C SER A 612 8.98 -33.30 -16.99
N THR A 613 10.12 -33.88 -17.41
CA THR A 613 10.29 -35.33 -17.26
C THR A 613 11.26 -35.71 -16.13
N THR A 614 11.65 -34.73 -15.33
CA THR A 614 12.58 -35.01 -14.23
C THR A 614 12.26 -34.21 -12.97
N LYS A 615 11.27 -33.35 -12.94
CA LYS A 615 10.89 -32.55 -11.78
C LYS A 615 9.38 -32.67 -11.65
N TYR A 616 8.91 -32.75 -10.42
CA TYR A 616 7.50 -32.99 -10.10
C TYR A 616 7.13 -32.11 -8.94
N ARG A 617 5.83 -31.88 -8.78
CA ARG A 617 5.34 -31.07 -7.66
C ARG A 617 4.67 -31.98 -6.65
N ILE A 618 5.10 -31.88 -5.39
CA ILE A 618 4.38 -32.58 -4.36
C ILE A 618 3.68 -31.54 -3.50
N ILE A 619 2.47 -31.85 -3.13
CA ILE A 619 1.54 -30.99 -2.43
C ILE A 619 0.99 -31.69 -1.20
N PHE A 620 0.95 -31.01 -0.06
CA PHE A 620 0.38 -31.64 1.12
C PHE A 620 -0.08 -30.54 2.06
N LYS A 621 -0.92 -30.93 3.01
CA LYS A 621 -1.42 -29.94 3.94
C LYS A 621 -0.47 -29.75 5.09
N ALA A 622 0.06 -28.57 5.28
CA ALA A 622 0.85 -28.28 6.47
C ALA A 622 -0.06 -27.70 7.55
N ARG A 623 0.18 -28.09 8.79
CA ARG A 623 -0.59 -27.61 9.96
C ARG A 623 0.42 -26.94 10.88
N VAL A 624 0.24 -25.64 11.08
CA VAL A 624 1.33 -24.88 11.74
C VAL A 624 0.79 -24.08 12.92
N PRO A 625 1.49 -24.07 14.06
CA PRO A 625 0.99 -23.37 15.22
C PRO A 625 0.89 -21.85 14.96
N PRO A 626 0.19 -21.18 15.86
CA PRO A 626 0.07 -19.68 15.79
C PRO A 626 1.49 -19.13 15.87
N MET A 627 1.83 -18.23 14.97
CA MET A 627 3.15 -17.56 15.03
C MET A 627 4.28 -18.57 15.20
N GLY A 628 4.11 -19.71 14.51
CA GLY A 628 4.97 -20.84 14.82
C GLY A 628 5.53 -21.53 13.61
N LEU A 629 6.15 -22.69 13.84
CA LEU A 629 6.86 -23.47 12.83
C LEU A 629 6.52 -24.94 12.93
N ALA A 630 6.50 -25.62 11.80
CA ALA A 630 6.23 -27.06 11.79
C ALA A 630 7.12 -27.71 10.74
N THR A 631 7.73 -28.82 11.11
CA THR A 631 8.71 -29.51 10.27
C THR A 631 8.12 -30.76 9.65
N TYR A 632 8.39 -30.99 8.37
CA TYR A 632 7.95 -32.21 7.69
C TYR A 632 9.18 -32.80 7.00
N VAL A 633 9.06 -34.07 6.59
CA VAL A 633 10.11 -34.78 5.92
C VAL A 633 9.55 -35.35 4.60
N LEU A 634 10.28 -35.14 3.52
CA LEU A 634 9.96 -35.70 2.21
C LEU A 634 10.91 -36.84 1.97
N THR A 635 10.41 -38.06 1.65
CA THR A 635 11.29 -39.21 1.49
C THR A 635 11.03 -39.87 0.15
N ILE A 636 12.11 -40.25 -0.54
CA ILE A 636 11.88 -40.96 -1.80
C ILE A 636 11.68 -42.44 -1.58
N SER A 637 10.95 -43.06 -2.52
CA SER A 637 10.89 -44.55 -2.48
C SER A 637 10.94 -45.03 -3.92
N ASP A 638 11.00 -46.37 -4.10
CA ASP A 638 11.20 -46.79 -5.50
C ASP A 638 9.91 -46.94 -6.31
N SER A 639 8.75 -46.84 -5.65
CA SER A 639 7.49 -46.90 -6.37
C SER A 639 6.42 -46.12 -5.63
N LYS A 640 5.22 -46.11 -6.18
CA LYS A 640 4.18 -45.23 -5.61
C LYS A 640 4.04 -45.44 -4.11
N PRO A 641 4.25 -44.44 -3.28
CA PRO A 641 3.99 -44.60 -1.85
C PRO A 641 2.51 -44.66 -1.47
N GLU A 642 2.28 -45.24 -0.32
CA GLU A 642 0.90 -45.47 0.12
C GLU A 642 0.05 -44.22 0.29
N HIS A 643 0.63 -43.16 0.78
CA HIS A 643 -0.10 -41.95 1.12
C HIS A 643 0.09 -40.81 0.14
N THR A 644 0.60 -41.12 -1.05
CA THR A 644 0.75 -40.13 -2.11
C THR A 644 -0.12 -40.54 -3.30
N SER A 645 -0.95 -39.65 -3.79
CA SER A 645 -1.75 -39.86 -5.00
C SER A 645 -1.21 -39.00 -6.13
N TYR A 646 -1.66 -39.28 -7.35
CA TYR A 646 -1.15 -38.64 -8.56
C TYR A 646 -2.29 -38.01 -9.30
N ALA A 647 -2.13 -36.76 -9.70
CA ALA A 647 -3.20 -36.09 -10.45
C ALA A 647 -3.32 -36.62 -11.85
N SER A 648 -4.54 -36.60 -12.36
CA SER A 648 -4.67 -36.86 -13.79
C SER A 648 -4.48 -35.55 -14.53
N ASN A 649 -4.18 -35.61 -15.83
CA ASN A 649 -4.00 -34.41 -16.65
C ASN A 649 -4.66 -34.58 -18.00
N LEU A 650 -5.39 -33.55 -18.41
CA LEU A 650 -6.13 -33.59 -19.64
C LEU A 650 -5.78 -32.32 -20.41
N LEU A 651 -5.26 -32.46 -21.59
CA LEU A 651 -4.93 -31.34 -22.46
C LEU A 651 -5.99 -31.21 -23.56
N LEU A 652 -6.68 -30.09 -23.56
CA LEU A 652 -7.76 -29.87 -24.50
C LEU A 652 -7.26 -28.91 -25.58
N ARG A 653 -7.18 -29.43 -26.80
CA ARG A 653 -6.78 -28.69 -27.98
C ARG A 653 -7.03 -29.54 -29.20
N LYS A 654 -7.38 -28.92 -30.31
CA LYS A 654 -7.31 -29.65 -31.55
C LYS A 654 -5.84 -29.85 -31.92
N ASN A 655 -5.59 -30.88 -32.68
CA ASN A 655 -4.24 -31.15 -33.15
C ASN A 655 -3.25 -31.31 -32.01
N PRO A 656 -3.54 -32.20 -31.07
CA PRO A 656 -2.56 -32.33 -30.00
C PRO A 656 -1.36 -33.15 -30.47
N THR A 657 -0.35 -33.01 -29.63
CA THR A 657 0.84 -33.83 -29.74
C THR A 657 1.13 -34.39 -28.34
N SER A 658 2.00 -35.40 -28.29
CA SER A 658 2.20 -36.09 -27.07
C SER A 658 2.87 -35.20 -26.02
N LEU A 659 2.74 -35.67 -24.75
CA LEU A 659 3.25 -34.95 -23.58
C LEU A 659 3.82 -35.95 -22.60
N PRO A 660 5.03 -36.44 -22.82
CA PRO A 660 5.63 -37.41 -21.89
C PRO A 660 6.03 -36.73 -20.60
N LEU A 661 6.02 -37.51 -19.53
CA LEU A 661 6.25 -36.95 -18.17
C LEU A 661 7.24 -37.76 -17.38
N GLY A 662 8.18 -38.44 -18.07
CA GLY A 662 9.16 -39.26 -17.30
C GLY A 662 8.52 -40.35 -16.45
N GLN A 663 8.90 -40.43 -15.17
CA GLN A 663 8.44 -41.46 -14.24
C GLN A 663 7.02 -41.23 -13.75
N TYR A 664 6.44 -40.08 -14.07
CA TYR A 664 5.06 -39.78 -13.62
C TYR A 664 4.09 -40.91 -13.96
N PRO A 665 3.36 -41.50 -12.97
CA PRO A 665 2.64 -42.75 -13.24
C PRO A 665 1.34 -42.68 -14.02
N GLU A 666 0.87 -41.49 -14.35
CA GLU A 666 -0.38 -41.39 -15.10
C GLU A 666 -0.12 -40.70 -16.43
N ASP A 667 -0.48 -41.34 -17.54
CA ASP A 667 -0.30 -40.70 -18.82
C ASP A 667 -1.27 -39.54 -19.03
N VAL A 668 -0.79 -38.49 -19.63
CA VAL A 668 -1.65 -37.36 -20.04
C VAL A 668 -2.73 -37.80 -21.01
N LYS A 669 -3.95 -37.33 -20.84
CA LYS A 669 -5.03 -37.56 -21.79
C LYS A 669 -5.27 -36.31 -22.64
N PHE A 670 -5.87 -36.51 -23.80
CA PHE A 670 -6.10 -35.48 -24.75
C PHE A 670 -7.56 -35.43 -25.19
N GLY A 671 -8.05 -34.25 -25.62
CA GLY A 671 -9.43 -34.18 -26.13
C GLY A 671 -9.59 -32.87 -26.88
N ASP A 672 -10.64 -32.80 -27.68
CA ASP A 672 -10.98 -31.47 -28.22
C ASP A 672 -11.47 -30.55 -27.13
N PRO A 673 -11.38 -29.23 -27.30
CA PRO A 673 -11.96 -28.30 -26.31
C PRO A 673 -13.40 -28.64 -26.00
N ARG A 674 -13.74 -28.55 -24.73
CA ARG A 674 -15.10 -28.84 -24.29
C ARG A 674 -15.32 -28.23 -22.93
N GLU A 675 -16.58 -28.00 -22.58
CA GLU A 675 -16.87 -27.54 -21.23
C GLU A 675 -16.52 -28.63 -20.25
N ILE A 676 -16.06 -28.18 -19.08
CA ILE A 676 -15.80 -29.20 -18.07
C ILE A 676 -16.14 -28.65 -16.69
N SER A 677 -16.30 -29.59 -15.76
CA SER A 677 -16.64 -29.19 -14.39
C SER A 677 -15.74 -29.98 -13.43
N LEU A 678 -15.45 -29.32 -12.31
CA LEU A 678 -14.53 -29.87 -11.33
C LEU A 678 -15.05 -29.58 -9.93
N ARG A 679 -14.73 -30.53 -9.04
CA ARG A 679 -15.05 -30.34 -7.62
C ARG A 679 -13.92 -30.94 -6.81
N VAL A 680 -13.32 -30.20 -5.89
CA VAL A 680 -12.34 -30.76 -4.95
C VAL A 680 -12.98 -30.86 -3.57
N GLY A 681 -12.76 -31.97 -2.91
CA GLY A 681 -13.26 -32.16 -1.56
C GLY A 681 -14.79 -32.03 -1.55
N ASN A 682 -15.30 -31.37 -0.51
CA ASN A 682 -16.70 -31.07 -0.37
C ASN A 682 -17.07 -29.69 -0.87
N GLY A 683 -16.14 -29.12 -1.59
CA GLY A 683 -16.06 -27.70 -1.90
C GLY A 683 -16.99 -27.39 -3.05
N PRO A 684 -16.87 -26.18 -3.56
CA PRO A 684 -17.77 -25.84 -4.66
C PRO A 684 -17.48 -26.67 -5.90
N THR A 685 -18.45 -26.77 -6.76
CA THR A 685 -18.28 -27.29 -8.13
C THR A 685 -18.22 -26.13 -9.12
N LEU A 686 -17.15 -26.09 -9.91
CA LEU A 686 -16.91 -25.02 -10.81
C LEU A 686 -17.05 -25.57 -12.25
N ALA A 687 -17.77 -24.84 -13.07
CA ALA A 687 -17.90 -25.18 -14.47
C ALA A 687 -17.12 -24.16 -15.33
N PHE A 688 -16.48 -24.65 -16.37
CA PHE A 688 -15.65 -23.88 -17.26
C PHE A 688 -16.11 -23.99 -18.70
N SER A 689 -15.96 -22.88 -19.42
CA SER A 689 -16.21 -22.86 -20.86
C SER A 689 -15.15 -23.68 -21.56
N GLU A 690 -15.41 -23.93 -22.86
CA GLU A 690 -14.37 -24.62 -23.66
C GLU A 690 -13.13 -23.75 -23.85
N GLN A 691 -13.18 -22.45 -23.56
CA GLN A 691 -11.99 -21.64 -23.56
C GLN A 691 -11.27 -21.64 -22.21
N GLY A 692 -11.67 -22.48 -21.26
CA GLY A 692 -10.95 -22.59 -19.99
C GLY A 692 -11.26 -21.52 -18.98
N LEU A 693 -12.38 -20.80 -19.15
CA LEU A 693 -12.78 -19.73 -18.26
C LEU A 693 -13.99 -20.12 -17.47
N LEU A 694 -13.97 -19.74 -16.21
CA LEU A 694 -15.12 -20.01 -15.31
C LEU A 694 -16.40 -19.49 -15.92
N LYS A 695 -17.45 -20.32 -15.81
CA LYS A 695 -18.80 -19.93 -16.18
C LYS A 695 -19.75 -20.04 -15.01
N SER A 696 -19.58 -20.91 -14.03
CA SER A 696 -20.53 -21.00 -12.93
C SER A 696 -19.86 -21.65 -11.73
N ILE A 697 -20.44 -21.30 -10.54
CA ILE A 697 -20.05 -21.88 -9.28
C ILE A 697 -21.28 -22.49 -8.62
N GLN A 698 -21.18 -23.73 -8.20
CA GLN A 698 -22.23 -24.36 -7.40
C GLN A 698 -21.72 -24.60 -5.99
N LEU A 699 -22.28 -23.92 -4.98
CA LEU A 699 -21.65 -23.97 -3.67
C LEU A 699 -21.88 -25.34 -3.07
N THR A 700 -23.05 -25.95 -3.23
CA THR A 700 -23.25 -27.24 -2.57
C THR A 700 -23.86 -28.22 -3.56
N GLN A 701 -23.92 -29.51 -3.27
CA GLN A 701 -24.57 -30.43 -4.20
C GLN A 701 -26.01 -29.96 -4.44
N ASP A 702 -26.71 -29.46 -3.44
CA ASP A 702 -28.11 -29.16 -3.68
C ASP A 702 -28.32 -27.90 -4.51
N SER A 703 -27.40 -26.97 -4.29
CA SER A 703 -27.58 -25.59 -4.73
C SER A 703 -27.46 -25.41 -6.23
N PRO A 704 -27.95 -24.25 -6.71
CA PRO A 704 -27.84 -23.87 -8.12
C PRO A 704 -26.42 -23.59 -8.62
N HIS A 705 -26.26 -23.83 -9.93
CA HIS A 705 -25.01 -23.41 -10.57
C HIS A 705 -25.16 -21.90 -10.84
N VAL A 706 -24.52 -21.05 -10.05
CA VAL A 706 -24.63 -19.62 -10.13
C VAL A 706 -23.72 -19.07 -11.19
N PRO A 707 -24.26 -18.34 -12.17
CA PRO A 707 -23.40 -17.81 -13.22
C PRO A 707 -22.35 -16.82 -12.69
N VAL A 708 -21.10 -17.15 -13.00
CA VAL A 708 -19.94 -16.32 -12.64
C VAL A 708 -19.00 -16.50 -13.83
N HIS A 709 -18.96 -15.53 -14.70
CA HIS A 709 -18.19 -15.67 -15.95
CA HIS A 709 -18.16 -15.70 -15.92
C HIS A 709 -16.94 -14.80 -15.94
N PHE A 710 -15.76 -15.37 -16.12
CA PHE A 710 -14.53 -14.60 -16.33
C PHE A 710 -14.39 -14.24 -17.81
N LYS A 711 -13.94 -13.06 -18.08
CA LYS A 711 -13.77 -12.53 -19.42
C LYS A 711 -12.57 -11.59 -19.39
N PHE A 712 -11.75 -11.63 -20.41
CA PHE A 712 -10.66 -10.67 -20.61
C PHE A 712 -10.99 -9.70 -21.72
N LEU A 713 -10.79 -8.43 -21.45
CA LEU A 713 -11.09 -7.40 -22.41
C LEU A 713 -9.93 -6.41 -22.51
N LYS A 714 -9.95 -5.50 -23.48
CA LYS A 714 -8.85 -4.55 -23.63
C LYS A 714 -9.46 -3.15 -23.81
N TYR A 715 -8.80 -2.22 -23.10
CA TYR A 715 -9.02 -0.82 -23.33
C TYR A 715 -7.91 -0.28 -24.22
N GLY A 716 -8.22 0.74 -25.00
CA GLY A 716 -7.19 1.40 -25.83
C GLY A 716 -7.02 2.84 -25.35
N VAL A 717 -6.43 3.63 -26.23
CA VAL A 717 -6.04 5.01 -25.94
C VAL A 717 -6.69 5.89 -27.00
N ARG A 718 -6.97 7.13 -26.69
CA ARG A 718 -7.63 8.02 -27.61
C ARG A 718 -6.71 8.51 -28.70
N SER A 719 -7.23 8.66 -29.90
CA SER A 719 -6.38 9.04 -31.03
C SER A 719 -6.43 10.55 -31.23
N HIS A 720 -7.44 11.16 -30.60
CA HIS A 720 -7.54 12.61 -30.49
C HIS A 720 -7.67 12.96 -29.02
N GLY A 721 -7.06 14.09 -28.62
CA GLY A 721 -7.29 14.49 -27.24
C GLY A 721 -6.24 13.87 -26.31
N ASP A 722 -6.59 13.83 -25.02
CA ASP A 722 -5.56 13.55 -24.03
C ASP A 722 -5.28 12.06 -24.02
N ARG A 723 -4.02 11.68 -23.86
CA ARG A 723 -3.60 10.29 -23.89
C ARG A 723 -3.35 9.76 -22.48
N SER A 724 -3.76 8.50 -22.29
CA SER A 724 -3.42 7.76 -21.11
C SER A 724 -1.92 7.67 -20.94
N GLY A 725 -1.45 7.64 -19.69
CA GLY A 725 -0.03 7.43 -19.46
C GLY A 725 0.10 6.79 -18.07
N ALA A 726 1.24 6.90 -17.42
CA ALA A 726 1.44 6.21 -16.15
C ALA A 726 0.45 6.67 -15.08
N TYR A 727 0.03 7.92 -15.12
CA TYR A 727 -0.95 8.44 -14.14
C TYR A 727 -2.38 8.31 -14.55
N LEU A 728 -2.69 8.78 -15.79
CA LEU A 728 -4.05 8.95 -16.22
C LEU A 728 -4.60 7.76 -16.99
N PHE A 729 -5.85 7.43 -16.75
CA PHE A 729 -6.56 6.43 -17.50
C PHE A 729 -7.59 7.17 -18.36
N LEU A 730 -7.39 7.19 -19.68
CA LEU A 730 -8.25 7.96 -20.58
C LEU A 730 -8.65 7.01 -21.71
N PRO A 731 -9.55 6.06 -21.39
CA PRO A 731 -9.84 5.00 -22.40
C PRO A 731 -10.57 5.60 -23.57
N ASN A 732 -10.43 4.93 -24.73
CA ASN A 732 -11.22 5.30 -25.90
C ASN A 732 -12.51 4.49 -25.87
N GLY A 733 -13.32 4.62 -24.84
CA GLY A 733 -14.57 3.92 -24.74
C GLY A 733 -14.44 2.65 -23.93
N PRO A 734 -15.59 2.00 -23.74
CA PRO A 734 -15.58 0.75 -22.99
C PRO A 734 -14.70 -0.30 -23.63
N ALA A 735 -14.34 -1.28 -22.79
CA ALA A 735 -13.40 -2.29 -23.24
C ALA A 735 -14.02 -3.20 -24.28
N SER A 736 -13.15 -3.73 -25.13
CA SER A 736 -13.49 -4.65 -26.20
C SER A 736 -13.01 -6.05 -25.85
N PRO A 737 -13.75 -7.13 -26.11
CA PRO A 737 -13.25 -8.44 -25.72
C PRO A 737 -11.93 -8.81 -26.36
N VAL A 738 -11.02 -9.47 -25.63
CA VAL A 738 -9.82 -10.06 -26.25
C VAL A 738 -10.26 -11.19 -27.18
N GLU A 739 -9.82 -11.17 -28.44
N GLU A 739 -9.77 -11.17 -28.42
CA GLU A 739 -10.11 -12.29 -29.33
CA GLU A 739 -9.97 -12.27 -29.32
C GLU A 739 -9.28 -13.50 -28.91
C GLU A 739 -9.21 -13.49 -28.81
N LEU A 740 -9.91 -14.57 -28.45
CA LEU A 740 -9.20 -15.69 -27.83
C LEU A 740 -8.75 -16.79 -28.77
N GLY A 741 -9.24 -16.78 -30.01
CA GLY A 741 -8.93 -17.95 -30.83
C GLY A 741 -9.49 -19.24 -30.23
N GLN A 742 -8.70 -20.31 -30.35
CA GLN A 742 -9.04 -21.64 -29.81
C GLN A 742 -7.90 -21.96 -28.85
N PRO A 743 -7.93 -21.42 -27.65
CA PRO A 743 -6.78 -21.57 -26.76
C PRO A 743 -6.66 -22.99 -26.23
N VAL A 744 -5.41 -23.32 -25.88
CA VAL A 744 -5.13 -24.64 -25.27
C VAL A 744 -5.44 -24.64 -23.79
N VAL A 745 -6.17 -25.64 -23.30
CA VAL A 745 -6.63 -25.71 -21.94
C VAL A 745 -6.09 -26.94 -21.28
N LEU A 746 -5.52 -26.76 -20.10
CA LEU A 746 -4.93 -27.88 -19.37
C LEU A 746 -5.71 -28.11 -18.07
N VAL A 747 -6.23 -29.30 -17.88
CA VAL A 747 -7.01 -29.64 -16.69
C VAL A 747 -6.21 -30.64 -15.89
N THR A 748 -5.88 -30.27 -14.66
CA THR A 748 -5.21 -31.21 -13.76
C THR A 748 -6.17 -31.54 -12.63
N LYS A 749 -6.44 -32.81 -12.38
CA LYS A 749 -7.44 -33.19 -11.41
C LYS A 749 -6.78 -34.05 -10.35
N GLY A 750 -6.80 -33.57 -9.11
CA GLY A 750 -6.20 -34.31 -8.03
C GLY A 750 -7.10 -34.35 -6.82
N LYS A 751 -6.79 -35.23 -5.87
CA LYS A 751 -7.56 -35.34 -4.64
C LYS A 751 -7.47 -34.07 -3.80
N LEU A 752 -6.30 -33.45 -3.81
CA LEU A 752 -6.03 -32.31 -2.93
C LEU A 752 -6.12 -30.98 -3.69
N GLU A 753 -5.76 -31.00 -4.96
CA GLU A 753 -5.70 -29.78 -5.75
C GLU A 753 -6.01 -30.09 -7.21
N SER A 754 -6.93 -29.33 -7.78
CA SER A 754 -7.22 -29.40 -9.21
C SER A 754 -7.09 -28.04 -9.81
N SER A 755 -6.94 -27.98 -11.14
CA SER A 755 -6.85 -26.67 -11.75
C SER A 755 -7.21 -26.74 -13.23
N VAL A 756 -7.59 -25.60 -13.74
CA VAL A 756 -7.83 -25.39 -15.16
C VAL A 756 -6.93 -24.23 -15.55
N SER A 757 -6.06 -24.41 -16.51
CA SER A 757 -5.15 -23.35 -16.96
C SER A 757 -5.35 -23.16 -18.45
N VAL A 758 -5.31 -21.91 -18.95
CA VAL A 758 -5.51 -21.68 -20.37
C VAL A 758 -4.54 -20.60 -20.83
N GLY A 759 -3.91 -20.84 -21.99
CA GLY A 759 -3.00 -19.88 -22.58
C GLY A 759 -3.73 -18.92 -23.48
N LEU A 760 -4.12 -17.78 -22.92
CA LEU A 760 -4.81 -16.77 -23.68
C LEU A 760 -3.82 -15.77 -24.22
N PRO A 761 -4.20 -14.95 -25.19
CA PRO A 761 -3.24 -13.89 -25.61
C PRO A 761 -2.99 -12.98 -24.43
N SER A 762 -1.71 -12.82 -24.09
CA SER A 762 -1.13 -12.01 -23.05
C SER A 762 -1.37 -12.58 -21.66
N VAL A 763 -2.11 -13.67 -21.43
CA VAL A 763 -2.39 -14.12 -20.08
C VAL A 763 -2.47 -15.62 -20.00
N VAL A 764 -1.63 -16.20 -19.16
CA VAL A 764 -1.87 -17.61 -18.83
C VAL A 764 -2.75 -17.57 -17.58
N HIS A 765 -4.00 -17.99 -17.73
CA HIS A 765 -5.06 -17.79 -16.73
C HIS A 765 -5.31 -19.15 -16.07
N GLN A 766 -5.28 -19.18 -14.74
N GLN A 766 -5.28 -19.18 -14.74
CA GLN A 766 -5.34 -20.44 -13.99
CA GLN A 766 -5.36 -20.42 -14.00
C GLN A 766 -6.38 -20.31 -12.89
C GLN A 766 -6.38 -20.30 -12.88
N THR A 767 -7.25 -21.31 -12.80
CA THR A 767 -8.22 -21.43 -11.69
C THR A 767 -7.84 -22.65 -10.89
N ILE A 768 -7.55 -22.47 -9.61
CA ILE A 768 -7.05 -23.57 -8.78
C ILE A 768 -8.01 -23.84 -7.66
N MET A 769 -8.25 -25.10 -7.44
CA MET A 769 -9.27 -25.51 -6.45
C MET A 769 -8.66 -26.40 -5.42
N ARG A 770 -8.82 -26.07 -4.15
N ARG A 770 -8.82 -26.07 -4.15
CA ARG A 770 -8.30 -26.89 -3.07
CA ARG A 770 -8.30 -26.88 -3.07
C ARG A 770 -9.37 -27.28 -2.07
C ARG A 770 -9.37 -27.28 -2.07
N GLY A 771 -10.61 -27.04 -2.45
CA GLY A 771 -11.72 -27.48 -1.62
C GLY A 771 -12.49 -26.33 -1.07
N GLY A 772 -12.10 -25.09 -1.21
CA GLY A 772 -12.96 -23.95 -0.75
C GLY A 772 -12.93 -22.92 -1.88
N ALA A 773 -12.85 -21.62 -1.57
CA ALA A 773 -12.88 -20.67 -2.67
C ALA A 773 -11.72 -20.84 -3.63
N PRO A 774 -11.94 -20.76 -4.93
CA PRO A 774 -10.81 -20.96 -5.84
C PRO A 774 -9.79 -19.81 -5.73
N GLU A 775 -8.62 -20.16 -6.18
CA GLU A 775 -7.50 -19.26 -6.34
C GLU A 775 -7.36 -19.00 -7.84
N ILE A 776 -7.20 -17.76 -8.26
CA ILE A 776 -6.97 -17.43 -9.66
C ILE A 776 -5.54 -16.91 -9.75
N ARG A 777 -4.79 -17.39 -10.73
CA ARG A 777 -3.45 -16.83 -10.99
C ARG A 777 -3.40 -16.43 -12.46
N ASN A 778 -2.98 -15.21 -12.77
CA ASN A 778 -2.77 -14.77 -14.12
C ASN A 778 -1.31 -14.47 -14.34
N LEU A 779 -0.67 -15.15 -15.28
CA LEU A 779 0.67 -14.77 -15.67
C LEU A 779 0.48 -13.81 -16.84
N VAL A 780 0.70 -12.53 -16.55
CA VAL A 780 0.33 -11.48 -17.51
C VAL A 780 1.56 -10.95 -18.23
N ASP A 781 1.56 -11.10 -19.54
CA ASP A 781 2.69 -10.65 -20.36
C ASP A 781 2.13 -9.92 -21.53
N ILE A 782 1.95 -8.63 -21.39
CA ILE A 782 1.32 -7.80 -22.43
C ILE A 782 2.24 -7.58 -23.59
N GLY A 783 3.48 -8.08 -23.50
CA GLY A 783 4.24 -8.26 -24.75
C GLY A 783 4.49 -6.93 -25.40
N SER A 784 4.27 -6.80 -26.69
CA SER A 784 4.52 -5.49 -27.31
C SER A 784 3.18 -4.88 -27.74
N LEU A 785 2.12 -5.22 -27.00
CA LEU A 785 0.82 -4.67 -27.36
C LEU A 785 0.68 -3.20 -26.98
N ASP A 786 1.11 -2.33 -27.87
CA ASP A 786 1.15 -0.92 -27.49
C ASP A 786 -0.27 -0.34 -27.29
N ASN A 787 -0.34 0.63 -26.40
CA ASN A 787 -1.56 1.38 -26.11
C ASN A 787 -2.73 0.48 -25.79
N THR A 788 -2.48 -0.46 -24.89
CA THR A 788 -3.46 -1.45 -24.50
C THR A 788 -3.48 -1.60 -22.98
N GLU A 789 -4.67 -1.72 -22.40
CA GLU A 789 -4.81 -2.06 -21.00
C GLU A 789 -5.64 -3.33 -20.97
N ILE A 790 -5.14 -4.36 -20.29
N ILE A 790 -5.12 -4.39 -20.35
CA ILE A 790 -5.78 -5.67 -20.20
CA ILE A 790 -5.91 -5.63 -20.33
C ILE A 790 -6.62 -5.78 -18.95
C ILE A 790 -6.66 -5.63 -19.00
N VAL A 791 -7.94 -5.94 -19.07
CA VAL A 791 -8.80 -6.03 -17.89
C VAL A 791 -9.35 -7.42 -17.73
N MET A 792 -9.47 -7.88 -16.49
CA MET A 792 -10.16 -9.13 -16.17
C MET A 792 -11.51 -8.73 -15.58
N ARG A 793 -12.59 -9.19 -16.23
CA ARG A 793 -13.94 -8.91 -15.77
C ARG A 793 -14.63 -10.18 -15.31
N LEU A 794 -15.48 -10.05 -14.28
CA LEU A 794 -16.44 -11.06 -13.83
C LEU A 794 -17.83 -10.57 -14.11
N GLU A 795 -18.61 -11.42 -14.75
CA GLU A 795 -20.01 -11.10 -15.04
C GLU A 795 -20.90 -12.04 -14.24
N THR A 796 -21.87 -11.49 -13.49
CA THR A 796 -22.78 -12.29 -12.69
C THR A 796 -24.20 -11.77 -12.82
N HIS A 797 -25.12 -12.49 -12.15
CA HIS A 797 -26.50 -12.07 -12.04
C HIS A 797 -26.81 -11.36 -10.73
N ILE A 798 -25.74 -11.01 -10.01
CA ILE A 798 -25.99 -10.35 -8.71
C ILE A 798 -26.58 -8.97 -8.96
N ASP A 799 -27.64 -8.64 -8.26
CA ASP A 799 -28.37 -7.41 -8.55
C ASP A 799 -27.75 -6.24 -7.75
N SER A 800 -26.50 -5.89 -8.07
CA SER A 800 -25.80 -4.89 -7.29
C SER A 800 -26.17 -3.47 -7.72
N GLY A 801 -26.74 -3.27 -8.92
CA GLY A 801 -27.13 -1.93 -9.31
C GLY A 801 -25.94 -1.09 -9.65
N ASP A 802 -25.77 0.00 -8.89
CA ASP A 802 -24.63 0.86 -9.07
C ASP A 802 -23.71 0.81 -7.86
N ILE A 803 -23.85 -0.16 -6.97
CA ILE A 803 -23.07 -0.18 -5.76
C ILE A 803 -22.01 -1.27 -5.85
N PHE A 804 -20.83 -0.98 -5.34
CA PHE A 804 -19.77 -1.97 -5.18
C PHE A 804 -18.90 -1.53 -4.01
N TYR A 805 -18.00 -2.39 -3.59
CA TYR A 805 -17.13 -2.08 -2.46
C TYR A 805 -15.70 -2.32 -2.86
N THR A 806 -14.82 -1.43 -2.39
CA THR A 806 -13.38 -1.66 -2.61
C THR A 806 -12.71 -1.35 -1.30
N ASP A 807 -11.48 -1.83 -1.10
CA ASP A 807 -10.83 -1.53 0.17
C ASP A 807 -9.90 -0.32 0.06
N LEU A 808 -9.59 0.20 1.25
CA LEU A 808 -8.60 1.26 1.34
C LEU A 808 -7.44 0.71 2.11
N ASN A 809 -6.30 0.57 1.44
CA ASN A 809 -5.03 0.17 2.06
C ASN A 809 -5.08 -1.14 2.80
N GLY A 810 -5.96 -2.06 2.40
CA GLY A 810 -5.99 -3.33 3.13
C GLY A 810 -6.57 -3.24 4.52
N LEU A 811 -7.19 -2.09 4.86
CA LEU A 811 -7.65 -1.83 6.23
C LEU A 811 -9.17 -1.87 6.37
N GLN A 812 -9.88 -1.37 5.38
CA GLN A 812 -11.34 -1.14 5.53
C GLN A 812 -11.90 -1.24 4.11
N PHE A 813 -13.19 -1.56 4.05
CA PHE A 813 -13.92 -1.60 2.79
C PHE A 813 -14.92 -0.44 2.78
N ILE A 814 -14.89 0.31 1.68
CA ILE A 814 -15.71 1.50 1.55
C ILE A 814 -16.70 1.27 0.42
N LYS A 815 -17.95 1.72 0.65
CA LYS A 815 -18.95 1.65 -0.37
C LYS A 815 -18.65 2.66 -1.49
N ARG A 816 -18.75 2.16 -2.72
CA ARG A 816 -18.63 2.97 -3.93
C ARG A 816 -19.95 2.99 -4.65
N ARG A 817 -20.24 4.10 -5.29
CA ARG A 817 -21.40 4.15 -6.19
C ARG A 817 -20.92 4.58 -7.57
N ARG A 818 -21.16 3.72 -8.55
CA ARG A 818 -20.88 4.05 -9.95
C ARG A 818 -21.75 5.24 -10.34
N LEU A 819 -21.15 6.26 -10.93
CA LEU A 819 -21.93 7.46 -11.26
C LEU A 819 -21.85 7.65 -12.78
N ASP A 820 -22.97 7.56 -13.45
CA ASP A 820 -22.94 7.74 -14.87
C ASP A 820 -22.73 9.19 -15.25
N LYS A 821 -22.83 10.10 -14.29
CA LYS A 821 -22.51 11.50 -14.58
C LYS A 821 -21.00 11.73 -14.66
N LEU A 822 -20.21 10.71 -14.29
CA LEU A 822 -18.76 10.74 -14.40
C LEU A 822 -18.27 9.81 -15.49
N PRO A 823 -17.14 10.09 -16.10
CA PRO A 823 -16.66 9.19 -17.16
C PRO A 823 -16.15 7.89 -16.57
N LEU A 824 -15.95 6.90 -17.44
CA LEU A 824 -15.59 5.55 -17.02
C LEU A 824 -14.40 5.59 -16.08
N GLN A 825 -13.34 6.32 -16.44
CA GLN A 825 -12.13 6.31 -15.63
C GLN A 825 -12.29 6.89 -14.24
N ALA A 826 -13.37 7.68 -14.05
CA ALA A 826 -13.62 8.25 -12.70
C ALA A 826 -14.26 7.20 -11.82
N ASN A 827 -14.85 6.17 -12.47
CA ASN A 827 -15.50 5.10 -11.69
C ASN A 827 -14.52 3.97 -11.36
N TYR A 828 -13.26 4.12 -11.76
CA TYR A 828 -12.17 3.26 -11.32
C TYR A 828 -11.63 3.74 -9.98
N TYR A 829 -11.38 2.77 -9.11
CA TYR A 829 -10.88 3.02 -7.75
C TYR A 829 -9.71 2.06 -7.50
N PRO A 830 -8.93 2.38 -6.49
CA PRO A 830 -7.86 1.46 -6.13
C PRO A 830 -8.48 0.18 -5.62
N ILE A 831 -7.88 -0.95 -5.95
CA ILE A 831 -8.21 -2.24 -5.38
C ILE A 831 -6.96 -2.76 -4.69
N PRO A 832 -6.62 -2.17 -3.53
CA PRO A 832 -5.37 -2.57 -2.89
C PRO A 832 -5.40 -3.97 -2.37
N SER A 833 -6.57 -4.52 -2.03
CA SER A 833 -6.59 -5.91 -1.56
C SER A 833 -7.91 -6.59 -1.83
N GLY A 834 -8.97 -5.90 -2.18
CA GLY A 834 -10.20 -6.67 -2.48
C GLY A 834 -11.30 -5.78 -2.95
N MET A 835 -12.32 -6.43 -3.50
CA MET A 835 -13.52 -5.71 -3.93
C MET A 835 -14.69 -6.67 -3.89
N PHE A 836 -15.90 -6.18 -3.75
CA PHE A 836 -17.06 -7.10 -3.85
C PHE A 836 -18.27 -6.36 -4.35
N ILE A 837 -19.21 -7.16 -4.83
CA ILE A 837 -20.56 -6.72 -5.12
C ILE A 837 -21.52 -7.68 -4.42
N GLU A 838 -22.72 -7.15 -4.13
CA GLU A 838 -23.73 -7.97 -3.45
C GLU A 838 -25.13 -7.45 -3.74
N ASP A 839 -26.07 -8.36 -3.53
CA ASP A 839 -27.48 -7.96 -3.46
C ASP A 839 -28.02 -8.54 -2.16
N ALA A 840 -29.35 -8.65 -2.05
CA ALA A 840 -29.91 -9.13 -0.80
C ALA A 840 -29.42 -10.52 -0.44
N ASN A 841 -29.15 -11.33 -1.47
CA ASN A 841 -28.88 -12.76 -1.21
C ASN A 841 -27.47 -13.24 -1.46
N THR A 842 -26.75 -12.62 -2.40
CA THR A 842 -25.52 -13.17 -2.95
C THR A 842 -24.43 -12.10 -2.95
N ARG A 843 -23.22 -12.53 -2.57
CA ARG A 843 -22.05 -11.63 -2.66
C ARG A 843 -20.98 -12.35 -3.46
N LEU A 844 -20.23 -11.58 -4.31
CA LEU A 844 -19.01 -12.09 -4.94
C LEU A 844 -17.89 -11.16 -4.50
N THR A 845 -16.87 -11.76 -3.87
CA THR A 845 -15.71 -11.00 -3.42
C THR A 845 -14.47 -11.50 -4.16
N LEU A 846 -13.70 -10.56 -4.69
CA LEU A 846 -12.43 -10.88 -5.33
C LEU A 846 -11.33 -10.28 -4.45
N LEU A 847 -10.49 -11.16 -3.89
CA LEU A 847 -9.37 -10.71 -3.07
C LEU A 847 -8.10 -10.72 -3.95
N THR A 848 -7.20 -9.78 -3.70
CA THR A 848 -6.00 -9.67 -4.52
C THR A 848 -4.74 -9.80 -3.70
N GLY A 849 -3.70 -10.28 -4.38
CA GLY A 849 -2.37 -10.31 -3.81
C GLY A 849 -1.52 -9.14 -4.25
N GLN A 850 -2.13 -8.14 -4.81
CA GLN A 850 -1.37 -6.97 -5.36
C GLN A 850 -2.38 -5.88 -5.58
N PRO A 851 -2.00 -4.62 -5.41
CA PRO A 851 -2.93 -3.54 -5.71
C PRO A 851 -3.03 -3.32 -7.22
N LEU A 852 -4.29 -3.18 -7.67
CA LEU A 852 -4.57 -2.92 -9.08
C LEU A 852 -5.78 -1.99 -9.16
N GLY A 853 -6.10 -1.46 -10.31
CA GLY A 853 -7.29 -0.59 -10.42
C GLY A 853 -8.50 -1.42 -10.79
N GLY A 854 -9.69 -0.97 -10.41
CA GLY A 854 -10.87 -1.75 -10.81
C GLY A 854 -12.14 -0.99 -10.58
N SER A 855 -13.23 -1.64 -10.96
CA SER A 855 -14.55 -1.01 -10.86
C SER A 855 -15.62 -2.05 -10.95
N SER A 856 -16.85 -1.56 -10.90
CA SER A 856 -18.03 -2.33 -11.35
C SER A 856 -18.77 -1.40 -12.28
N LEU A 857 -18.65 -1.62 -13.59
CA LEU A 857 -19.20 -0.72 -14.57
C LEU A 857 -20.62 -1.04 -14.96
N ALA A 858 -21.15 -2.13 -14.44
CA ALA A 858 -22.54 -2.46 -14.69
C ALA A 858 -22.95 -3.37 -13.55
N SER A 859 -24.25 -3.40 -13.29
CA SER A 859 -24.76 -4.27 -12.25
C SER A 859 -24.29 -5.71 -12.43
N GLY A 860 -23.88 -6.36 -11.35
CA GLY A 860 -23.41 -7.73 -11.43
C GLY A 860 -22.01 -7.92 -11.94
N GLU A 861 -21.25 -6.86 -12.29
CA GLU A 861 -19.88 -7.03 -12.69
C GLU A 861 -18.86 -6.59 -11.66
N LEU A 862 -17.70 -7.17 -11.78
CA LEU A 862 -16.47 -6.68 -11.15
C LEU A 862 -15.40 -6.67 -12.24
N GLU A 863 -14.46 -5.75 -12.21
CA GLU A 863 -13.34 -5.82 -13.15
C GLU A 863 -12.13 -5.23 -12.50
N ILE A 864 -10.99 -5.78 -12.92
CA ILE A 864 -9.70 -5.35 -12.33
C ILE A 864 -8.64 -5.37 -13.41
N MET A 865 -7.94 -4.26 -13.53
CA MET A 865 -6.92 -4.16 -14.58
C MET A 865 -5.70 -5.00 -14.27
N GLN A 866 -5.15 -5.64 -15.30
CA GLN A 866 -4.02 -6.54 -15.10
C GLN A 866 -2.68 -5.89 -15.45
N ASP A 867 -2.65 -5.17 -16.58
CA ASP A 867 -1.44 -4.42 -16.93
C ASP A 867 -1.87 -3.40 -17.99
N ARG A 868 -0.95 -2.47 -18.25
CA ARG A 868 -1.21 -1.41 -19.23
C ARG A 868 0.12 -1.03 -19.85
N ARG A 869 0.09 -0.88 -21.20
CA ARG A 869 1.32 -0.53 -21.93
C ARG A 869 0.95 0.67 -22.78
N LEU A 870 1.60 1.79 -22.55
CA LEU A 870 1.18 3.06 -23.10
C LEU A 870 2.35 3.78 -23.74
N ALA A 871 2.15 4.13 -25.01
CA ALA A 871 3.25 4.74 -25.72
C ALA A 871 3.53 6.21 -25.38
N SER A 872 2.50 6.88 -24.89
CA SER A 872 2.58 8.32 -24.70
C SER A 872 2.78 8.72 -23.24
N ASP A 873 3.42 9.90 -23.10
CA ASP A 873 3.43 10.61 -21.84
C ASP A 873 2.11 11.32 -21.62
N ASP A 874 1.74 11.43 -20.34
CA ASP A 874 0.43 12.01 -20.01
C ASP A 874 0.57 13.36 -19.31
N GLU A 875 1.68 14.04 -19.54
CA GLU A 875 1.75 15.47 -19.27
C GLU A 875 1.75 15.77 -17.79
N ARG A 876 2.23 14.88 -16.96
CA ARG A 876 2.29 15.08 -15.51
C ARG A 876 3.72 15.09 -15.00
N GLY A 877 4.71 15.11 -15.91
CA GLY A 877 6.09 15.34 -15.58
C GLY A 877 6.99 14.15 -15.76
N LEU A 878 6.43 12.97 -16.02
CA LEU A 878 7.24 11.75 -16.12
C LEU A 878 8.07 11.76 -17.40
N GLY A 879 7.50 12.28 -18.49
CA GLY A 879 8.29 12.43 -19.72
C GLY A 879 8.58 11.08 -20.39
N GLN A 880 7.73 10.11 -20.16
CA GLN A 880 7.83 8.83 -20.90
C GLN A 880 6.45 8.14 -20.75
N GLY A 881 6.19 7.23 -21.70
CA GLY A 881 5.09 6.30 -21.57
C GLY A 881 5.50 5.15 -20.66
N VAL A 882 4.73 4.09 -20.74
CA VAL A 882 4.88 2.87 -19.94
C VAL A 882 5.11 1.74 -20.95
N LEU A 883 6.39 1.51 -21.19
CA LEU A 883 6.76 0.52 -22.24
C LEU A 883 7.79 -0.44 -21.69
N ASP A 884 7.85 -0.57 -20.40
CA ASP A 884 8.82 -1.44 -19.71
C ASP A 884 8.15 -2.62 -18.98
N ASN A 885 6.98 -3.01 -19.47
CA ASN A 885 6.25 -4.15 -18.91
C ASN A 885 7.12 -5.39 -18.84
N LYS A 886 6.88 -6.19 -17.81
CA LYS A 886 7.51 -7.51 -17.72
C LYS A 886 6.47 -8.47 -17.18
N PRO A 887 6.63 -9.78 -17.43
CA PRO A 887 5.62 -10.72 -16.96
C PRO A 887 5.45 -10.69 -15.45
N VAL A 888 4.18 -10.70 -15.03
CA VAL A 888 3.89 -10.63 -13.60
C VAL A 888 2.85 -11.69 -13.31
N LEU A 889 2.98 -12.38 -12.19
CA LEU A 889 1.96 -13.36 -11.78
C LEU A 889 1.06 -12.72 -10.74
N HIS A 890 -0.11 -12.35 -11.15
CA HIS A 890 -1.15 -11.78 -10.28
C HIS A 890 -1.92 -12.92 -9.63
N ILE A 891 -2.23 -12.76 -8.34
CA ILE A 891 -2.94 -13.82 -7.62
C ILE A 891 -4.19 -13.24 -6.99
N TYR A 892 -5.20 -14.10 -6.88
CA TYR A 892 -6.50 -13.73 -6.37
C TYR A 892 -7.17 -14.89 -5.66
N ARG A 893 -8.20 -14.58 -4.86
CA ARG A 893 -9.15 -15.61 -4.42
C ARG A 893 -10.53 -15.08 -4.78
N LEU A 894 -11.40 -16.03 -5.16
CA LEU A 894 -12.76 -15.67 -5.61
C LEU A 894 -13.78 -16.33 -4.70
N VAL A 895 -14.53 -15.50 -4.00
CA VAL A 895 -15.43 -16.03 -2.97
C VAL A 895 -16.85 -15.67 -3.27
N LEU A 896 -17.63 -16.67 -3.71
CA LEU A 896 -19.06 -16.56 -3.85
C LEU A 896 -19.74 -17.05 -2.61
N GLU A 897 -20.66 -16.21 -2.12
CA GLU A 897 -21.29 -16.54 -0.83
C GLU A 897 -22.74 -16.13 -0.79
N LYS A 898 -23.54 -16.89 -0.03
N LYS A 898 -23.59 -16.88 -0.07
CA LYS A 898 -24.87 -16.45 0.36
CA LYS A 898 -24.93 -16.43 0.26
C LYS A 898 -24.77 -15.51 1.53
C LYS A 898 -24.91 -15.59 1.53
N VAL A 899 -25.41 -14.36 1.41
CA VAL A 899 -25.30 -13.36 2.51
C VAL A 899 -26.67 -12.94 3.02
N ASN A 900 -27.73 -13.63 2.63
CA ASN A 900 -29.07 -13.20 3.08
C ASN A 900 -29.19 -13.31 4.60
N ASN A 901 -28.44 -14.17 5.25
CA ASN A 901 -28.51 -14.23 6.70
C ASN A 901 -27.53 -13.34 7.44
N CYS A 902 -26.70 -12.60 6.71
CA CYS A 902 -25.68 -11.80 7.37
C CYS A 902 -26.24 -10.51 7.92
N VAL A 903 -25.76 -10.11 9.07
CA VAL A 903 -26.13 -8.81 9.60
C VAL A 903 -25.21 -7.77 8.94
N ARG A 904 -25.80 -7.00 8.05
CA ARG A 904 -25.04 -6.03 7.29
C ARG A 904 -25.40 -4.63 7.74
N PRO A 905 -24.55 -3.68 7.42
CA PRO A 905 -24.89 -2.28 7.69
C PRO A 905 -26.17 -1.88 6.96
N SER A 906 -26.82 -0.84 7.43
CA SER A 906 -27.98 -0.29 6.76
C SER A 906 -27.60 0.31 5.42
N LYS A 907 -28.61 0.58 4.61
CA LYS A 907 -28.42 1.14 3.29
C LYS A 907 -27.66 2.46 3.30
N LEU A 908 -27.70 3.19 4.42
CA LEU A 908 -27.08 4.51 4.49
C LEU A 908 -25.64 4.47 4.99
N HIS A 909 -25.20 3.31 5.43
CA HIS A 909 -23.87 3.20 6.02
C HIS A 909 -22.80 3.23 4.92
N PRO A 910 -21.73 4.00 5.10
CA PRO A 910 -20.72 4.09 4.05
C PRO A 910 -19.74 2.91 4.04
N ALA A 911 -19.76 1.97 4.95
CA ALA A 911 -18.75 0.88 4.96
C ALA A 911 -19.36 -0.42 4.56
N GLY A 912 -18.50 -1.37 4.20
CA GLY A 912 -18.90 -2.77 4.15
C GLY A 912 -17.87 -3.59 4.87
N TYR A 913 -18.14 -4.88 5.09
CA TYR A 913 -17.27 -5.76 5.85
C TYR A 913 -17.22 -7.13 5.19
N LEU A 914 -16.05 -7.74 5.25
CA LEU A 914 -15.89 -9.10 4.74
C LEU A 914 -16.55 -10.10 5.69
N THR A 915 -16.81 -11.26 5.05
CA THR A 915 -17.11 -12.46 5.80
C THR A 915 -15.82 -13.14 6.26
N SER A 916 -15.97 -14.10 7.20
CA SER A 916 -14.82 -14.86 7.63
C SER A 916 -14.12 -15.50 6.45
N ALA A 917 -14.85 -16.12 5.54
CA ALA A 917 -14.16 -16.83 4.44
C ALA A 917 -13.40 -15.86 3.56
N ALA A 918 -13.95 -14.67 3.30
CA ALA A 918 -13.24 -13.75 2.42
C ALA A 918 -12.03 -13.16 3.12
N HIS A 919 -12.12 -12.89 4.43
CA HIS A 919 -10.97 -12.41 5.17
C HIS A 919 -9.87 -13.45 5.20
N LYS A 920 -10.23 -14.73 5.47
CA LYS A 920 -9.17 -15.75 5.44
C LYS A 920 -8.59 -15.90 4.06
N ALA A 921 -9.42 -15.76 3.03
CA ALA A 921 -8.89 -15.83 1.67
C ALA A 921 -7.90 -14.67 1.40
N SER A 922 -8.21 -13.48 1.90
CA SER A 922 -7.21 -12.41 1.74
C SER A 922 -5.94 -12.71 2.48
N GLN A 923 -6.07 -13.24 3.72
CA GLN A 923 -4.82 -13.59 4.45
C GLN A 923 -4.02 -14.65 3.70
N SER A 924 -4.68 -15.55 2.99
CA SER A 924 -3.97 -16.63 2.31
C SER A 924 -3.12 -16.07 1.18
N LEU A 925 -3.53 -14.91 0.66
CA LEU A 925 -2.78 -14.22 -0.41
C LEU A 925 -1.65 -13.37 0.15
N LEU A 926 -1.97 -12.60 1.20
CA LEU A 926 -0.98 -11.63 1.68
C LEU A 926 -0.01 -12.24 2.65
N ASP A 927 -0.41 -13.16 3.50
CA ASP A 927 0.50 -13.72 4.49
C ASP A 927 0.38 -15.26 4.46
N PRO A 928 0.81 -15.85 3.35
CA PRO A 928 0.78 -17.29 3.26
C PRO A 928 1.75 -17.91 4.24
N LEU A 929 1.70 -19.23 4.45
CA LEU A 929 2.82 -19.91 5.11
C LEU A 929 4.11 -19.67 4.37
N ASP A 930 5.21 -19.51 5.10
CA ASP A 930 6.54 -19.49 4.50
C ASP A 930 7.11 -20.91 4.44
N LYS A 931 7.87 -21.21 3.42
CA LYS A 931 8.38 -22.56 3.26
C LYS A 931 9.89 -22.51 3.19
N PHE A 932 10.51 -23.36 3.99
CA PHE A 932 11.97 -23.44 4.08
C PHE A 932 12.44 -24.86 3.75
N ILE A 933 13.50 -24.93 2.92
CA ILE A 933 14.06 -26.24 2.57
C ILE A 933 15.42 -26.36 3.21
N PHE A 934 15.64 -27.41 4.03
CA PHE A 934 16.94 -27.49 4.67
C PHE A 934 18.04 -27.68 3.63
N ALA A 935 19.13 -26.92 3.72
CA ALA A 935 20.05 -26.90 2.57
C ALA A 935 21.07 -28.00 2.63
N GLU A 936 21.41 -28.51 3.81
N GLU A 936 21.46 -28.53 3.78
CA GLU A 936 22.43 -29.54 3.97
CA GLU A 936 22.50 -29.59 3.70
C GLU A 936 21.84 -30.92 3.81
C GLU A 936 21.86 -30.92 3.97
N ASN A 937 22.66 -31.98 3.93
CA ASN A 937 22.07 -33.33 3.86
C ASN A 937 21.45 -33.73 5.18
N GLU A 938 22.02 -33.35 6.30
CA GLU A 938 21.52 -33.74 7.61
C GLU A 938 21.42 -32.56 8.57
N TRP A 939 20.25 -32.42 9.17
CA TRP A 939 19.98 -31.44 10.21
C TRP A 939 20.12 -32.11 11.59
N ILE A 940 21.29 -31.91 12.21
CA ILE A 940 21.43 -32.54 13.54
C ILE A 940 20.73 -31.74 14.60
N GLY A 941 20.01 -32.35 15.50
CA GLY A 941 19.37 -31.55 16.57
C GLY A 941 18.00 -31.04 16.12
N ALA A 942 17.50 -31.41 14.95
CA ALA A 942 16.23 -30.86 14.47
C ALA A 942 15.06 -31.12 15.41
N GLN A 943 14.16 -30.17 15.49
CA GLN A 943 12.95 -30.29 16.31
C GLN A 943 11.73 -30.19 15.40
N GLY A 944 10.63 -30.71 15.83
CA GLY A 944 9.49 -30.81 14.95
C GLY A 944 8.57 -29.62 14.96
N GLN A 945 8.62 -28.77 15.97
CA GLN A 945 7.65 -27.70 16.04
C GLN A 945 8.14 -26.60 16.96
N PHE A 946 7.65 -25.41 16.67
CA PHE A 946 7.85 -24.26 17.55
C PHE A 946 6.51 -23.54 17.67
N GLY A 947 6.16 -23.12 18.88
CA GLY A 947 5.00 -22.30 19.07
C GLY A 947 3.71 -23.04 19.35
N GLY A 948 3.81 -24.35 19.64
CA GLY A 948 2.56 -25.07 19.93
C GLY A 948 1.82 -24.54 21.15
N ASP A 949 2.51 -23.84 22.03
CA ASP A 949 1.88 -23.27 23.21
C ASP A 949 1.51 -21.80 23.00
N HIS A 950 1.71 -21.29 21.79
CA HIS A 950 1.18 -19.94 21.49
C HIS A 950 -0.35 -19.89 21.44
N PRO A 951 -0.97 -18.86 22.01
CA PRO A 951 -2.45 -18.80 21.98
C PRO A 951 -2.94 -18.70 20.57
N SER A 952 -4.05 -19.34 20.24
CA SER A 952 -4.69 -19.29 18.91
C SER A 952 -5.85 -18.32 19.06
N ALA A 953 -5.57 -17.11 18.58
CA ALA A 953 -6.47 -15.97 18.79
C ALA A 953 -7.66 -16.02 17.88
N ARG A 954 -8.70 -15.30 18.25
CA ARG A 954 -9.88 -15.20 17.41
C ARG A 954 -9.53 -14.76 16.00
N GLU A 955 -10.27 -15.27 15.04
CA GLU A 955 -9.88 -15.15 13.63
C GLU A 955 -9.84 -13.72 13.13
N ASP A 956 -10.52 -12.78 13.74
CA ASP A 956 -10.49 -11.42 13.30
C ASP A 956 -9.32 -10.64 13.89
N LEU A 957 -8.54 -11.22 14.76
CA LEU A 957 -7.38 -10.52 15.33
C LEU A 957 -6.08 -10.93 14.66
N ASP A 958 -5.21 -9.96 14.44
CA ASP A 958 -3.90 -10.24 13.87
C ASP A 958 -2.82 -9.54 14.69
N VAL A 959 -1.67 -10.17 14.74
CA VAL A 959 -0.44 -9.52 15.21
C VAL A 959 0.24 -9.02 13.95
N SER A 960 -0.10 -7.78 13.58
CA SER A 960 0.35 -7.20 12.35
C SER A 960 1.84 -7.03 12.33
N VAL A 961 2.40 -6.66 13.50
CA VAL A 961 3.86 -6.48 13.68
C VAL A 961 4.25 -7.12 14.98
N MET A 962 5.39 -7.83 14.93
CA MET A 962 6.15 -8.17 16.13
C MET A 962 7.57 -7.79 15.83
N ARG A 963 8.15 -6.94 16.67
CA ARG A 963 9.46 -6.38 16.43
C ARG A 963 10.21 -6.20 17.75
N ARG A 964 11.36 -6.85 17.89
CA ARG A 964 12.23 -6.57 19.04
C ARG A 964 12.85 -5.20 18.85
N LEU A 965 12.76 -4.38 19.88
CA LEU A 965 13.08 -2.96 19.80
C LEU A 965 14.44 -2.65 20.41
N THR A 966 15.05 -3.65 21.06
CA THR A 966 16.35 -3.46 21.71
C THR A 966 17.41 -4.41 21.17
N LYS A 967 18.65 -3.96 21.09
CA LYS A 967 19.77 -4.83 20.77
C LYS A 967 20.18 -5.64 21.99
N SER A 968 21.11 -6.56 21.81
CA SER A 968 21.36 -7.59 22.83
C SER A 968 21.98 -7.00 24.07
N SER A 969 22.69 -5.85 23.95
CA SER A 969 23.37 -5.38 25.19
C SER A 969 22.40 -4.68 26.13
N ALA A 970 21.15 -4.44 25.80
CA ALA A 970 20.19 -3.82 26.70
C ALA A 970 19.83 -4.75 27.83
N LYS A 971 19.99 -4.34 29.08
CA LYS A 971 19.56 -5.15 30.20
C LYS A 971 18.06 -5.37 30.16
N THR A 972 17.26 -4.36 29.83
CA THR A 972 15.81 -4.53 29.71
C THR A 972 15.47 -4.67 28.23
N GLN A 973 15.12 -5.89 27.82
CA GLN A 973 14.74 -6.07 26.41
C GLN A 973 13.32 -5.58 26.21
N ARG A 974 13.01 -5.08 25.03
CA ARG A 974 11.67 -4.59 24.72
C ARG A 974 11.24 -5.16 23.40
N VAL A 975 10.00 -5.65 23.36
CA VAL A 975 9.41 -6.19 22.12
C VAL A 975 8.10 -5.43 21.87
N GLY A 976 7.95 -4.95 20.64
CA GLY A 976 6.72 -4.22 20.25
C GLY A 976 5.84 -5.12 19.39
N TYR A 977 4.55 -4.91 19.62
CA TYR A 977 3.51 -5.58 18.88
C TYR A 977 2.49 -4.58 18.40
N VAL A 978 2.06 -4.74 17.14
CA VAL A 978 0.89 -3.98 16.65
C VAL A 978 -0.21 -5.02 16.50
N LEU A 979 -1.34 -4.83 17.15
N LEU A 979 -1.31 -4.79 17.19
CA LEU A 979 -2.46 -5.76 17.16
CA LEU A 979 -2.49 -5.64 17.08
C LEU A 979 -3.66 -5.12 16.47
C LEU A 979 -3.55 -4.93 16.27
N HIS A 980 -4.18 -5.74 15.43
CA HIS A 980 -5.24 -5.18 14.61
C HIS A 980 -6.40 -6.15 14.63
N ARG A 981 -7.58 -5.66 14.98
N ARG A 981 -7.59 -5.66 14.95
CA ARG A 981 -8.78 -6.49 14.82
CA ARG A 981 -8.77 -6.49 14.82
C ARG A 981 -9.62 -5.92 13.71
C ARG A 981 -9.63 -5.93 13.71
N THR A 982 -9.97 -6.75 12.74
CA THR A 982 -10.86 -6.33 11.66
C THR A 982 -12.31 -6.50 12.12
N ASN A 983 -13.28 -6.31 11.24
CA ASN A 983 -14.65 -6.63 11.65
C ASN A 983 -15.23 -7.53 10.59
N LEU A 984 -15.68 -8.69 11.03
CA LEU A 984 -16.24 -9.65 10.08
C LEU A 984 -17.73 -9.72 10.23
N MET A 985 -18.43 -9.93 9.13
CA MET A 985 -19.89 -10.01 9.26
C MET A 985 -20.34 -11.22 10.02
N GLN A 986 -21.40 -11.03 10.81
CA GLN A 986 -22.04 -12.13 11.55
C GLN A 986 -23.04 -12.77 10.61
N CYS A 987 -22.86 -14.05 10.23
CA CYS A 987 -23.82 -14.64 9.31
C CYS A 987 -24.42 -15.92 9.90
N GLY A 988 -24.36 -16.09 11.22
CA GLY A 988 -24.93 -17.26 11.85
C GLY A 988 -24.01 -18.44 11.99
N THR A 989 -22.70 -18.24 11.84
CA THR A 989 -21.84 -19.36 12.17
C THR A 989 -21.45 -19.26 13.65
N PRO A 990 -21.86 -20.24 14.43
CA PRO A 990 -21.45 -20.25 15.84
C PRO A 990 -19.94 -20.06 15.97
N GLU A 991 -19.60 -19.13 16.87
CA GLU A 991 -18.23 -18.81 17.18
C GLU A 991 -17.55 -19.92 17.96
N GLU A 992 -16.39 -20.31 17.45
CA GLU A 992 -15.55 -21.28 18.14
C GLU A 992 -14.83 -20.64 19.31
N HIS A 993 -15.10 -20.98 20.54
CA HIS A 993 -14.31 -20.59 21.69
C HIS A 993 -12.82 -20.67 21.31
N THR A 994 -12.10 -19.57 21.47
CA THR A 994 -10.69 -19.41 21.10
C THR A 994 -9.91 -18.91 22.29
N GLN A 995 -8.58 -18.78 22.23
CA GLN A 995 -7.87 -18.30 23.42
C GLN A 995 -7.56 -16.82 23.35
N LYS A 996 -7.59 -16.16 24.51
CA LYS A 996 -7.20 -14.76 24.62
C LYS A 996 -5.71 -14.66 24.31
N LEU A 997 -5.40 -13.69 23.45
CA LEU A 997 -4.01 -13.43 23.13
C LEU A 997 -3.54 -12.21 23.94
N ASP A 998 -2.57 -12.44 24.79
CA ASP A 998 -1.90 -11.39 25.55
C ASP A 998 -0.50 -11.30 25.01
N VAL A 999 -0.27 -10.32 24.11
CA VAL A 999 1.10 -10.33 23.55
C VAL A 999 2.19 -10.07 24.55
N CYS A 1000 1.89 -9.43 25.68
CA CYS A 1000 2.96 -9.12 26.64
C CYS A 1000 3.49 -10.33 27.36
N HIS A 1001 2.75 -11.45 27.31
CA HIS A 1001 3.29 -12.69 27.92
C HIS A 1001 3.76 -13.67 26.85
N LEU A 1002 3.92 -13.24 25.60
CA LEU A 1002 4.43 -14.20 24.59
C LEU A 1002 5.89 -14.53 24.86
N LEU A 1003 6.68 -13.63 25.42
CA LEU A 1003 8.08 -13.85 25.81
C LEU A 1003 8.14 -13.92 27.32
N PRO A 1004 9.06 -14.72 27.85
CA PRO A 1004 9.12 -14.91 29.29
C PRO A 1004 9.73 -13.74 30.02
N ASN A 1005 9.55 -13.79 31.34
CA ASN A 1005 10.13 -12.84 32.26
C ASN A 1005 9.65 -11.42 31.98
N VAL A 1006 8.36 -11.28 31.68
CA VAL A 1006 7.89 -9.91 31.43
C VAL A 1006 7.96 -9.13 32.74
N ALA A 1007 8.43 -7.89 32.67
CA ALA A 1007 8.55 -6.99 33.82
C ALA A 1007 7.62 -5.79 33.65
N ARG A 1008 7.12 -5.50 32.47
CA ARG A 1008 6.24 -4.32 32.26
C ARG A 1008 5.55 -4.54 30.93
N CYS A 1009 4.33 -4.02 30.83
CA CYS A 1009 3.57 -4.04 29.56
C CYS A 1009 3.02 -2.63 29.44
N GLU A 1010 3.25 -1.99 28.31
CA GLU A 1010 2.75 -0.66 28.05
C GLU A 1010 1.97 -0.62 26.74
N ARG A 1011 0.90 0.13 26.72
CA ARG A 1011 0.28 0.48 25.45
C ARG A 1011 1.02 1.70 24.89
N THR A 1012 1.35 1.73 23.62
CA THR A 1012 2.12 2.82 23.02
C THR A 1012 1.39 3.33 21.79
N THR A 1013 1.91 4.48 21.29
CA THR A 1013 1.52 4.84 19.94
C THR A 1013 1.95 3.75 18.95
N LEU A 1014 1.40 3.77 17.73
CA LEU A 1014 1.68 2.64 16.81
C LEU A 1014 3.11 2.56 16.35
N THR A 1015 3.86 3.65 16.48
CA THR A 1015 5.26 3.74 16.13
C THR A 1015 6.15 3.25 17.27
N PHE A 1016 5.55 2.91 18.39
CA PHE A 1016 6.22 2.50 19.63
C PHE A 1016 6.94 3.66 20.32
N LEU A 1017 6.75 4.91 19.87
CA LEU A 1017 7.66 5.96 20.39
C LEU A 1017 7.16 6.64 21.62
N GLN A 1018 5.90 6.47 22.01
CA GLN A 1018 5.40 7.09 23.22
C GLN A 1018 4.59 6.11 24.04
N ASN A 1019 4.85 6.09 25.35
CA ASN A 1019 4.07 5.21 26.23
C ASN A 1019 2.77 5.89 26.55
N LEU A 1020 1.63 5.25 26.39
CA LEU A 1020 0.35 5.84 26.65
C LEU A 1020 -0.30 5.27 27.90
N GLU A 1021 -0.03 4.04 28.29
CA GLU A 1021 -0.62 3.46 29.49
C GLU A 1021 0.27 2.34 30.02
N HIS A 1022 0.42 2.26 31.33
CA HIS A 1022 1.17 1.20 32.00
C HIS A 1022 0.14 0.17 32.35
N LEU A 1023 0.25 -1.07 31.89
CA LEU A 1023 -0.92 -1.94 31.99
C LEU A 1023 -0.88 -2.82 33.21
N ASP A 1024 -2.00 -2.87 33.89
CA ASP A 1024 -2.25 -3.74 35.00
C ASP A 1024 -1.96 -5.21 34.70
N GLY A 1025 -1.18 -5.79 35.61
CA GLY A 1025 -0.89 -7.21 35.49
C GLY A 1025 0.00 -7.54 34.34
N MET A 1026 0.63 -6.57 33.72
CA MET A 1026 1.45 -6.78 32.53
C MET A 1026 0.68 -7.50 31.42
N VAL A 1027 -0.64 -7.28 31.41
CA VAL A 1027 -1.50 -7.90 30.40
C VAL A 1027 -1.90 -6.88 29.34
N ALA A 1028 -1.73 -7.24 28.06
CA ALA A 1028 -2.07 -6.37 26.94
C ALA A 1028 -3.49 -6.74 26.53
N PRO A 1029 -4.45 -5.88 26.71
CA PRO A 1029 -5.81 -6.25 26.29
C PRO A 1029 -5.92 -6.46 24.80
N GLU A 1030 -6.86 -7.29 24.33
CA GLU A 1030 -7.12 -7.27 22.89
C GLU A 1030 -7.92 -5.99 22.59
N VAL A 1031 -8.04 -5.77 21.29
CA VAL A 1031 -8.58 -4.52 20.81
C VAL A 1031 -9.97 -4.76 20.23
N CYS A 1032 -10.74 -3.69 20.04
CA CYS A 1032 -12.06 -3.73 19.48
C CYS A 1032 -12.04 -3.90 17.96
N PRO A 1033 -13.16 -4.33 17.40
CA PRO A 1033 -13.25 -4.42 15.93
C PRO A 1033 -12.93 -3.06 15.31
N MET A 1034 -12.15 -3.13 14.26
CA MET A 1034 -11.65 -2.02 13.46
C MET A 1034 -10.62 -1.19 14.21
N GLU A 1035 -10.15 -1.60 15.37
N GLU A 1035 -10.18 -1.61 15.38
CA GLU A 1035 -9.13 -0.77 16.02
CA GLU A 1035 -9.15 -0.85 16.07
C GLU A 1035 -7.81 -1.51 16.00
C GLU A 1035 -7.79 -1.51 15.95
N THR A 1036 -6.76 -0.70 16.17
CA THR A 1036 -5.39 -1.12 16.09
C THR A 1036 -4.69 -0.54 17.28
N ALA A 1037 -3.94 -1.33 18.00
CA ALA A 1037 -3.23 -0.83 19.18
C ALA A 1037 -1.80 -1.37 19.13
N ALA A 1038 -0.93 -0.69 19.85
CA ALA A 1038 0.45 -1.17 19.95
C ALA A 1038 0.75 -1.36 21.44
N TYR A 1039 1.56 -2.37 21.67
CA TYR A 1039 2.05 -2.68 22.98
C TYR A 1039 3.53 -2.98 22.98
N VAL A 1040 4.17 -2.65 24.09
CA VAL A 1040 5.58 -3.02 24.21
C VAL A 1040 5.73 -3.73 25.53
N SER A 1041 6.32 -4.94 25.46
CA SER A 1041 6.63 -5.71 26.64
C SER A 1041 8.12 -5.52 26.94
N SER A 1042 8.40 -5.35 28.25
CA SER A 1042 9.78 -5.26 28.71
C SER A 1042 10.13 -6.51 29.52
N HIS A 1043 11.37 -6.99 29.35
CA HIS A 1043 11.78 -8.28 29.92
C HIS A 1043 13.11 -8.15 30.57
N SER A 1044 13.24 -8.66 31.73
CA SER A 1044 14.57 -8.64 32.35
C SER A 1044 15.52 -9.60 31.61
N SER A 1045 16.73 -9.24 31.24
CA SER A 1045 17.69 -10.12 30.53
C SER A 1045 19.11 -9.98 31.00
C1 YZ0 B . 3.35 22.01 -17.35
C1M YZ0 B . 5.58 21.87 -17.91
C2 YZ0 B . 1.93 21.66 -17.72
C3 YZ0 B . 0.97 22.18 -16.65
C4 YZ0 B . 1.28 21.51 -15.32
C5 YZ0 B . 2.77 21.14 -15.19
C6 YZ0 B . 3.16 19.66 -15.24
O1 YZ0 B . 4.28 21.43 -18.28
O2 YZ0 B . 1.82 20.24 -17.81
O3 YZ0 B . -0.39 21.93 -16.96
O4 YZ0 B . 0.80 22.32 -14.23
O5 YZ0 B . 3.76 21.64 -16.04
O6 YZ0 B . 4.52 19.74 -14.81
C1 MAN B . -1.05 23.17 -16.95
C2 MAN B . -2.56 23.05 -16.99
C3 MAN B . -2.99 22.69 -18.41
C4 MAN B . -2.33 23.63 -19.43
C5 MAN B . -0.83 23.65 -19.26
C6 MAN B . -0.19 24.73 -20.19
O2 MAN B . -3.04 24.37 -16.77
O3 MAN B . -4.41 22.74 -18.52
O4 MAN B . -2.68 23.25 -20.76
O5 MAN B . -0.53 24.07 -17.94
O6 MAN B . 1.22 24.66 -20.04
C1 NAG B . -3.33 24.57 -15.38
C2 NAG B . -3.09 26.06 -15.08
C3 NAG B . -3.62 26.38 -13.68
C4 NAG B . -5.10 26.02 -13.63
C5 NAG B . -5.23 24.51 -13.91
C6 NAG B . -6.69 24.14 -13.94
C7 NAG B . -1.24 26.97 -16.40
C8 NAG B . 0.25 27.21 -16.50
N2 NAG B . -1.67 26.37 -15.27
O3 NAG B . -3.49 27.78 -13.35
O4 NAG B . -5.62 26.34 -12.35
O5 NAG B . -4.72 24.24 -15.22
O6 NAG B . -7.30 24.81 -15.03
O7 NAG B . -1.99 27.30 -17.30
C1 Z4Y B . 4.47 20.48 -13.61
O5 Z4Y B . 4.36 19.61 -12.53
C5 Z4Y B . 5.27 18.55 -12.60
C6 Z4Y B . 4.77 17.51 -11.60
S6 Z4Y B . 5.92 17.08 -10.24
C4 Z4Y B . 6.69 19.04 -12.49
O4 Z4Y B . 7.51 18.20 -13.29
C3 Z4Y B . 6.89 20.53 -12.85
O3 Z4Y B . 7.61 21.17 -11.78
C2 Z4Y B . 5.60 21.36 -13.10
O2 Z4Y B . 5.22 21.98 -11.85
C1 MAN B . 4.91 16.46 -8.86
C2 MAN B . 5.73 15.56 -7.93
C3 MAN B . 5.86 14.11 -8.42
C4 MAN B . 4.53 13.63 -9.05
C5 MAN B . 3.99 14.67 -10.05
C6 MAN B . 2.66 14.30 -10.67
O2 MAN B . 5.11 15.51 -6.63
O3 MAN B . 6.16 13.32 -7.27
O4 MAN B . 4.72 12.38 -9.73
O5 MAN B . 3.75 15.86 -9.29
O6 MAN B . 2.32 15.26 -11.69
ZN ZN C . 6.38 14.09 -5.43
C1 MPD D . 25.23 -12.15 1.19
C2 MPD D . 23.87 -12.87 1.15
O2 MPD D . 23.27 -12.77 -0.16
CM MPD D . 24.14 -14.34 1.55
C3 MPD D . 22.85 -12.31 2.14
C4 MPD D . 22.57 -10.82 1.97
O4 MPD D . 21.99 -10.64 0.65
C5 MPD D . 21.52 -10.48 3.05
#